data_1BR8
#
_entry.id   1BR8
#
_cell.length_a   69.120
_cell.length_b   101.690
_cell.length_c   87.020
_cell.angle_alpha   90.00
_cell.angle_beta   104.36
_cell.angle_gamma   90.00
#
_symmetry.space_group_name_H-M   'P 1 21 1'
#
loop_
_entity.id
_entity.type
_entity.pdbx_description
1 polymer 'PROTEIN (ANTITHROMBIN-III)'
2 polymer 'PROTEIN (PEPTIDE)'
3 water water
#
loop_
_entity_poly.entity_id
_entity_poly.type
_entity_poly.pdbx_seq_one_letter_code
_entity_poly.pdbx_strand_id
1 'polypeptide(L)'
;HGSPVDICTAKPRDIPMNPMCIYRSPEKKATEDEGSEQKIPEATNRRVWELSKANSRFATTFYQHLADSKNDNDNIFLSP
LSISTAFAMTKLGACNDTLQQLMEVFKFDTISEKTSDQIHFFFAKLNCRLYRKANKSSKLVSANRLFGDKSLTFNETYQD
ISELVYGAKLQPLDFKENAEQSRAAINKWVSNKTEGRITDVIPSEAINELTVLVLVNTIYFKGLWKSKFSPENTRKELFY
KADGESCSASMMYQEGKFRYRRVAEGTQVLELPFKGDDITMVLILPKPEKSLAKVEKELTPEVLQEWLDELEEMMLVVHM
PRFRIEDGFSLKEQLQDMGLVDLFSPEKSKLPGIVAEGRDDLYVSDAFHKAFLEVNEEGSEAAASTAVVIAGRSLNPNRV
TFKANRPFLVFIREVPLNTIIFMGRVANPCVK
;
L,I
2 'polypeptide(L)' SEAAASTAVVIA P
#
# COMPACT_ATOMS: atom_id res chain seq x y z
N CYS A 8 19.31 -2.92 1.99
CA CYS A 8 19.49 -1.58 2.52
C CYS A 8 19.03 -1.43 3.97
N THR A 9 18.08 -0.54 4.20
CA THR A 9 17.58 -0.24 5.54
C THR A 9 18.71 0.48 6.29
N ALA A 10 19.94 0.23 5.88
CA ALA A 10 21.08 0.83 6.52
C ALA A 10 22.39 0.39 5.91
N LYS A 11 22.70 -0.90 5.97
CA LYS A 11 23.97 -1.48 5.49
C LYS A 11 24.08 -2.91 6.04
N PRO A 12 23.13 -3.78 5.71
CA PRO A 12 23.13 -5.15 6.24
C PRO A 12 24.36 -5.94 5.91
N ARG A 13 24.90 -6.62 6.93
CA ARG A 13 26.07 -7.50 6.77
C ARG A 13 25.57 -8.80 6.18
N ASP A 14 24.51 -8.67 5.38
CA ASP A 14 23.84 -9.79 4.74
C ASP A 14 23.61 -10.91 5.74
N ILE A 15 23.53 -10.51 7.01
CA ILE A 15 23.25 -11.36 8.13
C ILE A 15 21.69 -11.63 8.23
N PRO A 16 20.79 -10.80 7.68
CA PRO A 16 19.36 -11.14 7.86
C PRO A 16 19.02 -12.49 7.26
N MET A 17 17.81 -12.95 7.58
CA MET A 17 17.27 -14.24 7.11
C MET A 17 16.87 -14.18 5.61
N ASN A 18 16.66 -15.34 4.98
CA ASN A 18 16.26 -15.39 3.56
C ASN A 18 16.06 -16.86 3.04
N PRO A 19 15.26 -17.66 3.76
CA PRO A 19 14.98 -19.08 3.39
C PRO A 19 14.18 -19.34 2.10
N MET A 20 13.80 -20.63 1.95
CA MET A 20 12.98 -21.26 0.86
C MET A 20 13.73 -21.65 -0.44
N CYS A 21 13.92 -22.98 -0.63
CA CYS A 21 14.55 -23.66 -1.82
C CYS A 21 15.80 -23.03 -2.45
N ILE A 22 16.98 -23.52 -2.09
CA ILE A 22 18.27 -23.01 -2.57
C ILE A 22 18.95 -23.91 -3.54
N TYR A 23 19.16 -23.26 -4.69
CA TYR A 23 19.85 -23.88 -5.80
C TYR A 23 21.30 -23.38 -5.87
N ARG A 24 22.13 -24.18 -6.55
CA ARG A 24 23.55 -23.86 -6.78
C ARG A 24 24.04 -24.67 -8.00
N SER A 25 24.87 -24.04 -8.82
CA SER A 25 25.37 -24.70 -10.03
C SER A 25 26.25 -25.91 -9.71
N ALA A 43 33.42 -4.29 0.78
CA ALA A 43 34.10 -4.19 -0.52
C ALA A 43 33.81 -5.41 -1.39
N THR A 44 32.89 -6.24 -0.92
CA THR A 44 32.51 -7.44 -1.65
C THR A 44 31.42 -7.11 -2.67
N ASN A 45 31.19 -5.81 -2.86
CA ASN A 45 30.20 -5.33 -3.82
C ASN A 45 30.55 -5.90 -5.20
N ARG A 46 31.75 -6.50 -5.27
CA ARG A 46 32.22 -7.14 -6.47
C ARG A 46 31.13 -8.14 -6.88
N ARG A 47 30.35 -8.52 -5.86
CA ARG A 47 29.22 -9.43 -6.03
C ARG A 47 28.13 -8.70 -6.83
N VAL A 48 27.98 -7.41 -6.54
CA VAL A 48 27.00 -6.55 -7.20
C VAL A 48 27.39 -6.27 -8.66
N TRP A 49 28.66 -6.00 -8.89
CA TRP A 49 29.16 -5.73 -10.24
C TRP A 49 28.89 -6.97 -11.10
N GLU A 50 29.09 -8.14 -10.49
CA GLU A 50 28.87 -9.42 -11.14
C GLU A 50 27.40 -9.56 -11.47
N LEU A 51 26.57 -8.99 -10.61
CA LEU A 51 25.12 -9.02 -10.81
C LEU A 51 24.78 -8.22 -12.05
N SER A 52 25.26 -6.98 -12.09
CA SER A 52 25.03 -6.08 -13.23
C SER A 52 25.51 -6.73 -14.51
N LYS A 53 26.67 -7.36 -14.43
CA LYS A 53 27.23 -8.05 -15.59
C LYS A 53 26.21 -9.05 -16.12
N ALA A 54 25.78 -9.94 -15.23
CA ALA A 54 24.80 -10.98 -15.54
C ALA A 54 23.49 -10.38 -16.00
N ASN A 55 23.24 -9.17 -15.51
CA ASN A 55 22.02 -8.44 -15.85
C ASN A 55 22.10 -7.95 -17.28
N SER A 56 23.30 -7.59 -17.69
CA SER A 56 23.56 -7.11 -19.03
C SER A 56 23.53 -8.25 -20.03
N ARG A 57 24.17 -9.36 -19.68
CA ARG A 57 24.22 -10.52 -20.56
C ARG A 57 22.81 -10.97 -20.92
N PHE A 58 21.90 -10.79 -19.97
CA PHE A 58 20.50 -11.15 -20.19
C PHE A 58 19.87 -10.13 -21.13
N ALA A 59 20.21 -8.87 -20.88
CA ALA A 59 19.71 -7.76 -21.68
C ALA A 59 19.99 -7.99 -23.16
N THR A 60 21.26 -8.15 -23.49
CA THR A 60 21.66 -8.37 -24.88
C THR A 60 21.00 -9.63 -25.44
N THR A 61 21.10 -10.73 -24.71
CA THR A 61 20.49 -11.98 -25.16
C THR A 61 18.99 -11.84 -25.41
N PHE A 62 18.31 -11.11 -24.54
CA PHE A 62 16.87 -10.92 -24.69
C PHE A 62 16.56 -10.07 -25.91
N TYR A 63 17.25 -8.94 -26.01
CA TYR A 63 17.04 -8.02 -27.14
C TYR A 63 17.15 -8.78 -28.46
N GLN A 64 18.20 -9.59 -28.55
CA GLN A 64 18.46 -10.41 -29.73
C GLN A 64 17.20 -11.16 -30.11
N HIS A 65 16.71 -11.93 -29.15
CA HIS A 65 15.50 -12.74 -29.29
C HIS A 65 14.31 -11.87 -29.63
N LEU A 66 14.09 -10.87 -28.79
CA LEU A 66 12.98 -9.94 -28.98
C LEU A 66 13.02 -9.39 -30.40
N ALA A 67 14.24 -9.08 -30.83
CA ALA A 67 14.50 -8.55 -32.17
C ALA A 67 14.03 -9.55 -33.22
N ASP A 68 14.44 -10.80 -33.04
CA ASP A 68 14.09 -11.89 -33.94
C ASP A 68 12.59 -11.92 -34.22
N SER A 69 11.82 -11.61 -33.18
CA SER A 69 10.35 -11.63 -33.25
C SER A 69 9.74 -10.31 -33.70
N LYS A 70 10.59 -9.36 -34.07
CA LYS A 70 10.13 -8.05 -34.52
C LYS A 70 10.67 -7.75 -35.91
N ASN A 71 10.07 -6.76 -36.54
CA ASN A 71 10.47 -6.33 -37.88
C ASN A 71 11.72 -5.45 -37.79
N ASP A 72 12.74 -5.79 -38.58
CA ASP A 72 14.03 -5.06 -38.59
C ASP A 72 13.85 -3.57 -38.64
N ASN A 73 12.78 -3.14 -39.29
CA ASN A 73 12.53 -1.73 -39.44
C ASN A 73 11.63 -1.21 -38.36
N ASP A 74 11.15 -2.15 -37.55
CA ASP A 74 10.24 -1.81 -36.48
C ASP A 74 10.96 -1.24 -35.28
N ASN A 75 10.27 -0.39 -34.54
CA ASN A 75 10.80 0.21 -33.33
C ASN A 75 10.95 -0.84 -32.23
N ILE A 76 11.73 -0.50 -31.22
CA ILE A 76 11.93 -1.38 -30.10
C ILE A 76 12.36 -0.57 -28.90
N PHE A 77 11.75 -0.88 -27.76
CA PHE A 77 12.11 -0.23 -26.50
C PHE A 77 11.67 -1.08 -25.34
N LEU A 78 12.53 -1.15 -24.33
CA LEU A 78 12.28 -1.92 -23.14
C LEU A 78 13.24 -1.50 -22.04
N SER A 79 13.16 -2.20 -20.91
CA SER A 79 14.04 -1.98 -19.78
C SER A 79 14.46 -3.38 -19.33
N PRO A 80 15.63 -3.83 -19.79
CA PRO A 80 16.11 -5.15 -19.44
C PRO A 80 16.16 -5.26 -17.94
N LEU A 81 16.61 -4.18 -17.30
CA LEU A 81 16.73 -4.12 -15.85
C LEU A 81 15.46 -4.50 -15.12
N SER A 82 14.33 -3.90 -15.49
CA SER A 82 13.06 -4.21 -14.83
C SER A 82 12.73 -5.68 -15.00
N ILE A 83 12.82 -6.15 -16.24
CA ILE A 83 12.54 -7.55 -16.57
C ILE A 83 13.30 -8.51 -15.65
N SER A 84 14.55 -8.17 -15.35
CA SER A 84 15.36 -8.99 -14.47
C SER A 84 14.94 -8.80 -13.02
N THR A 85 14.29 -7.67 -12.76
CA THR A 85 13.89 -7.26 -11.44
C THR A 85 12.54 -7.78 -11.00
N ALA A 86 11.72 -8.13 -11.99
CA ALA A 86 10.40 -8.70 -11.74
C ALA A 86 10.58 -10.20 -11.65
N PHE A 87 11.49 -10.74 -12.46
CA PHE A 87 11.77 -12.17 -12.45
C PHE A 87 12.57 -12.61 -11.22
N ALA A 88 13.34 -11.69 -10.65
CA ALA A 88 14.11 -12.01 -9.44
C ALA A 88 13.05 -12.09 -8.33
N MET A 89 12.06 -11.20 -8.40
CA MET A 89 10.98 -11.19 -7.45
C MET A 89 10.25 -12.52 -7.53
N THR A 90 9.93 -12.95 -8.75
CA THR A 90 9.24 -14.21 -8.93
C THR A 90 10.06 -15.38 -8.43
N LYS A 91 11.37 -15.32 -8.67
CA LYS A 91 12.27 -16.40 -8.29
C LYS A 91 12.20 -16.71 -6.82
N LEU A 92 11.76 -15.73 -6.03
CA LEU A 92 11.68 -15.88 -4.58
C LEU A 92 10.90 -17.11 -4.16
N GLY A 93 9.74 -17.34 -4.77
CA GLY A 93 8.90 -18.48 -4.45
C GLY A 93 9.12 -19.70 -5.34
N ALA A 94 10.21 -19.69 -6.09
CA ALA A 94 10.54 -20.78 -7.01
C ALA A 94 11.28 -21.93 -6.31
N CYS A 95 11.29 -23.11 -6.95
CA CYS A 95 11.93 -24.29 -6.37
C CYS A 95 12.31 -25.31 -7.48
N ASN A 96 13.35 -26.10 -7.22
CA ASN A 96 13.83 -27.11 -8.17
C ASN A 96 14.12 -26.50 -9.54
N ASP A 97 13.89 -27.30 -10.59
CA ASP A 97 14.13 -26.89 -11.97
C ASP A 97 13.69 -25.46 -12.26
N THR A 98 12.43 -25.18 -11.97
CA THR A 98 11.84 -23.84 -12.19
C THR A 98 12.76 -22.76 -11.63
N LEU A 99 13.45 -23.09 -10.55
CA LEU A 99 14.38 -22.20 -9.93
C LEU A 99 15.68 -22.19 -10.75
N GLN A 100 16.09 -23.37 -11.23
CA GLN A 100 17.30 -23.51 -12.03
C GLN A 100 17.31 -22.61 -13.25
N GLN A 101 16.37 -22.87 -14.14
CA GLN A 101 16.23 -22.17 -15.39
C GLN A 101 16.14 -20.67 -15.15
N LEU A 102 15.53 -20.29 -14.04
CA LEU A 102 15.38 -18.88 -13.68
C LEU A 102 16.73 -18.21 -13.36
N MET A 103 17.55 -18.93 -12.61
CA MET A 103 18.88 -18.48 -12.19
C MET A 103 19.85 -18.47 -13.37
N GLU A 104 19.72 -19.48 -14.21
CA GLU A 104 20.59 -19.61 -15.37
C GLU A 104 20.16 -18.65 -16.46
N VAL A 105 18.88 -18.70 -16.84
CA VAL A 105 18.36 -17.85 -17.88
C VAL A 105 18.66 -16.38 -17.64
N PHE A 106 18.38 -15.91 -16.43
CA PHE A 106 18.65 -14.54 -16.09
C PHE A 106 20.13 -14.33 -15.76
N LYS A 107 20.91 -15.38 -15.98
CA LYS A 107 22.37 -15.35 -15.78
C LYS A 107 22.84 -15.24 -14.35
N PHE A 108 21.96 -15.53 -13.40
CA PHE A 108 22.32 -15.45 -11.99
C PHE A 108 23.35 -16.51 -11.59
N ASP A 109 23.46 -17.57 -12.40
CA ASP A 109 24.41 -18.66 -12.10
C ASP A 109 25.84 -18.29 -12.46
N THR A 110 26.07 -17.01 -12.73
CA THR A 110 27.40 -16.52 -13.09
C THR A 110 28.01 -15.67 -11.98
N ILE A 111 27.37 -15.68 -10.81
CA ILE A 111 27.80 -14.85 -9.69
C ILE A 111 28.68 -15.54 -8.67
N SER A 112 28.80 -14.91 -7.50
CA SER A 112 29.65 -15.41 -6.41
C SER A 112 29.55 -16.88 -6.05
N GLU A 113 28.38 -17.35 -5.61
CA GLU A 113 28.28 -18.77 -5.28
C GLU A 113 27.04 -19.20 -4.54
N LYS A 114 26.73 -20.50 -4.70
CA LYS A 114 25.67 -21.22 -4.00
C LYS A 114 24.81 -20.35 -3.09
N THR A 115 23.72 -19.85 -3.63
CA THR A 115 22.80 -19.02 -2.88
C THR A 115 21.81 -18.29 -3.74
N SER A 116 20.86 -19.04 -4.27
CA SER A 116 19.79 -18.45 -5.06
C SER A 116 19.12 -17.39 -4.20
N ASP A 117 19.42 -17.43 -2.91
CA ASP A 117 18.85 -16.51 -1.92
C ASP A 117 19.69 -15.27 -1.69
N GLN A 118 20.99 -15.38 -1.97
CA GLN A 118 21.90 -14.25 -1.75
C GLN A 118 21.85 -13.24 -2.89
N ILE A 119 21.56 -13.72 -4.10
CA ILE A 119 21.46 -12.84 -5.25
C ILE A 119 20.50 -11.70 -4.94
N HIS A 120 19.34 -12.04 -4.38
CA HIS A 120 18.34 -11.04 -4.02
C HIS A 120 18.97 -9.95 -3.15
N PHE A 121 19.97 -10.35 -2.38
CA PHE A 121 20.67 -9.41 -1.51
C PHE A 121 21.42 -8.38 -2.36
N PHE A 122 22.23 -8.89 -3.29
CA PHE A 122 23.00 -8.03 -4.17
C PHE A 122 22.08 -7.17 -5.03
N PHE A 123 21.04 -7.79 -5.59
CA PHE A 123 20.05 -7.09 -6.41
C PHE A 123 19.32 -6.06 -5.53
N ALA A 124 19.43 -6.19 -4.22
CA ALA A 124 18.80 -5.25 -3.28
C ALA A 124 19.81 -4.19 -2.88
N LYS A 125 21.07 -4.43 -3.24
CA LYS A 125 22.17 -3.49 -3.01
C LYS A 125 22.26 -2.68 -4.31
N LEU A 126 22.21 -3.41 -5.41
CA LEU A 126 22.26 -2.84 -6.76
C LEU A 126 21.16 -1.81 -6.95
N ASN A 127 19.91 -2.23 -6.79
CA ASN A 127 18.77 -1.33 -6.94
C ASN A 127 18.92 -0.21 -5.92
N CYS A 128 19.63 -0.52 -4.85
CA CYS A 128 19.86 0.41 -3.75
C CYS A 128 20.70 1.61 -4.11
N ARG A 129 21.79 1.35 -4.82
CA ARG A 129 22.71 2.40 -5.24
C ARG A 129 22.06 3.13 -6.41
N LEU A 130 21.39 2.36 -7.27
CA LEU A 130 20.71 2.88 -8.43
C LEU A 130 19.68 3.92 -8.09
N TYR A 131 18.68 3.53 -7.31
CA TYR A 131 17.56 4.38 -6.98
C TYR A 131 17.69 5.22 -5.72
N ARG A 132 18.74 4.97 -4.95
CA ARG A 132 18.96 5.73 -3.71
C ARG A 132 20.21 6.61 -3.85
N LYS A 133 20.03 7.79 -4.42
CA LYS A 133 21.11 8.71 -4.68
C LYS A 133 21.40 9.76 -3.64
N ALA A 134 22.50 9.59 -2.92
CA ALA A 134 22.94 10.60 -1.97
C ALA A 134 23.66 11.66 -2.82
N ASN A 135 23.08 11.94 -4.00
CA ASN A 135 23.66 12.92 -4.94
C ASN A 135 22.62 13.81 -5.66
N LYS A 136 21.37 13.33 -5.82
CA LYS A 136 20.26 14.15 -6.35
C LYS A 136 20.11 14.56 -7.83
N SER A 137 21.09 14.20 -8.66
CA SER A 137 21.13 14.59 -10.08
C SER A 137 19.87 14.42 -10.96
N SER A 138 19.80 13.28 -11.66
CA SER A 138 18.69 12.97 -12.58
C SER A 138 17.68 12.08 -11.87
N LYS A 139 16.44 12.04 -12.38
CA LYS A 139 15.43 11.20 -11.75
C LYS A 139 15.41 9.75 -12.22
N LEU A 140 15.62 8.82 -11.28
CA LEU A 140 15.58 7.39 -11.56
C LEU A 140 14.97 6.71 -10.33
N VAL A 141 13.68 6.38 -10.42
CA VAL A 141 12.97 5.78 -9.31
C VAL A 141 12.18 4.52 -9.69
N SER A 142 12.39 3.47 -8.90
CA SER A 142 11.73 2.19 -9.12
C SER A 142 10.71 1.94 -8.03
N ALA A 143 9.86 0.95 -8.25
CA ALA A 143 8.83 0.59 -7.28
C ALA A 143 8.16 -0.70 -7.68
N ASN A 144 8.42 -1.75 -6.90
CA ASN A 144 7.81 -3.05 -7.17
C ASN A 144 6.51 -3.20 -6.39
N ARG A 145 5.82 -4.31 -6.60
CA ARG A 145 4.60 -4.61 -5.87
C ARG A 145 3.90 -5.89 -6.25
N LEU A 146 3.32 -6.54 -5.25
CA LEU A 146 2.56 -7.75 -5.46
C LEU A 146 1.06 -7.45 -5.36
N PHE A 147 0.26 -8.27 -6.01
CA PHE A 147 -1.19 -8.11 -5.97
C PHE A 147 -1.79 -9.49 -5.92
N GLY A 148 -1.86 -10.05 -4.70
CA GLY A 148 -2.40 -11.38 -4.50
C GLY A 148 -3.91 -11.42 -4.37
N ASP A 149 -4.47 -12.61 -4.49
CA ASP A 149 -5.92 -12.80 -4.37
C ASP A 149 -6.36 -12.65 -2.91
N LYS A 150 -7.43 -11.89 -2.69
CA LYS A 150 -7.96 -11.64 -1.35
C LYS A 150 -8.35 -12.88 -0.56
N SER A 151 -8.59 -13.98 -1.26
CA SER A 151 -9.02 -15.22 -0.61
C SER A 151 -7.91 -16.14 -0.17
N LEU A 152 -6.74 -16.01 -0.78
CA LEU A 152 -5.61 -16.88 -0.49
C LEU A 152 -4.81 -16.53 0.75
N THR A 153 -4.13 -17.54 1.29
CA THR A 153 -3.25 -17.37 2.44
C THR A 153 -1.82 -17.46 1.93
N PHE A 154 -1.20 -16.31 1.66
CA PHE A 154 0.16 -16.27 1.15
C PHE A 154 1.18 -16.55 2.24
N ASN A 155 2.32 -17.12 1.85
CA ASN A 155 3.38 -17.41 2.81
C ASN A 155 3.83 -16.09 3.43
N GLU A 156 3.94 -16.08 4.75
CA GLU A 156 4.35 -14.88 5.49
C GLU A 156 5.81 -14.49 5.25
N THR A 157 6.67 -15.50 5.22
CA THR A 157 8.10 -15.26 4.99
C THR A 157 8.29 -14.70 3.58
N TYR A 158 7.69 -15.35 2.59
CA TYR A 158 7.79 -14.87 1.23
C TYR A 158 7.31 -13.43 1.17
N GLN A 159 6.10 -13.17 1.66
CA GLN A 159 5.57 -11.82 1.64
C GLN A 159 6.49 -10.80 2.31
N ASP A 160 7.15 -11.24 3.37
CA ASP A 160 8.04 -10.38 4.14
C ASP A 160 9.38 -10.12 3.44
N ILE A 161 9.92 -11.17 2.83
CA ILE A 161 11.20 -11.05 2.11
C ILE A 161 11.05 -10.06 0.95
N SER A 162 9.99 -10.25 0.17
CA SER A 162 9.71 -9.39 -0.97
C SER A 162 9.64 -7.92 -0.59
N GLU A 163 9.05 -7.63 0.56
CA GLU A 163 8.94 -6.25 1.01
C GLU A 163 10.29 -5.70 1.46
N LEU A 164 11.12 -6.59 1.99
CA LEU A 164 12.45 -6.19 2.47
C LEU A 164 13.42 -5.98 1.31
N VAL A 165 13.65 -7.04 0.53
CA VAL A 165 14.58 -7.01 -0.60
C VAL A 165 14.13 -6.10 -1.72
N TYR A 166 13.05 -6.48 -2.39
CA TYR A 166 12.54 -5.69 -3.51
C TYR A 166 11.54 -4.59 -3.10
N GLY A 167 11.27 -4.48 -1.81
CA GLY A 167 10.35 -3.45 -1.33
C GLY A 167 8.96 -3.55 -1.92
N ALA A 168 8.51 -4.77 -2.21
CA ALA A 168 7.20 -4.97 -2.80
C ALA A 168 6.09 -5.38 -1.83
N LYS A 169 5.22 -4.44 -1.49
CA LYS A 169 4.12 -4.74 -0.59
C LYS A 169 3.06 -5.57 -1.31
N LEU A 170 2.52 -6.57 -0.63
CA LEU A 170 1.49 -7.42 -1.22
C LEU A 170 0.09 -6.78 -1.09
N GLN A 171 -0.38 -6.19 -2.19
CA GLN A 171 -1.68 -5.55 -2.22
C GLN A 171 -2.75 -6.56 -2.59
N PRO A 172 -3.76 -6.69 -1.73
CA PRO A 172 -4.85 -7.63 -1.97
C PRO A 172 -5.70 -7.18 -3.13
N LEU A 173 -6.04 -8.15 -4.00
CA LEU A 173 -6.88 -7.90 -5.18
C LEU A 173 -7.90 -9.03 -5.28
N ASP A 174 -9.11 -8.70 -5.72
CA ASP A 174 -10.17 -9.68 -5.89
C ASP A 174 -10.16 -10.23 -7.33
N PHE A 175 -9.33 -11.26 -7.56
CA PHE A 175 -9.27 -11.89 -8.88
C PHE A 175 -10.43 -12.87 -9.06
N LYS A 176 -10.84 -13.53 -7.98
CA LYS A 176 -11.93 -14.51 -8.03
C LYS A 176 -13.29 -13.96 -8.42
N GLU A 177 -13.51 -12.68 -8.23
CA GLU A 177 -14.81 -12.11 -8.56
C GLU A 177 -14.72 -10.73 -9.19
N ASN A 178 -13.51 -10.28 -9.46
CA ASN A 178 -13.34 -8.95 -10.06
C ASN A 178 -12.01 -8.76 -10.78
N ALA A 179 -11.63 -9.77 -11.57
CA ALA A 179 -10.38 -9.72 -12.31
C ALA A 179 -10.24 -8.44 -13.12
N GLU A 180 -11.36 -7.99 -13.70
CA GLU A 180 -11.36 -6.78 -14.53
C GLU A 180 -10.83 -5.56 -13.78
N GLN A 181 -11.52 -5.18 -12.71
CA GLN A 181 -11.10 -4.03 -11.92
C GLN A 181 -9.74 -4.35 -11.32
N SER A 182 -9.48 -5.64 -11.12
CA SER A 182 -8.20 -6.10 -10.60
C SER A 182 -7.10 -5.71 -11.58
N ARG A 183 -7.35 -5.93 -12.87
CA ARG A 183 -6.40 -5.56 -13.91
C ARG A 183 -6.30 -4.05 -13.90
N ALA A 184 -7.46 -3.41 -13.95
CA ALA A 184 -7.54 -1.97 -13.97
C ALA A 184 -6.83 -1.38 -12.75
N ALA A 185 -6.78 -2.15 -11.67
CA ALA A 185 -6.16 -1.69 -10.43
C ALA A 185 -4.66 -1.68 -10.55
N ILE A 186 -4.13 -2.69 -11.22
CA ILE A 186 -2.69 -2.85 -11.41
C ILE A 186 -2.17 -1.84 -12.43
N ASN A 187 -2.79 -1.83 -13.59
CA ASN A 187 -2.40 -0.92 -14.65
C ASN A 187 -2.38 0.51 -14.09
N LYS A 188 -3.42 0.85 -13.36
CA LYS A 188 -3.52 2.19 -12.76
C LYS A 188 -2.37 2.46 -11.79
N TRP A 189 -2.08 1.53 -10.90
CA TRP A 189 -0.99 1.74 -9.95
C TRP A 189 0.29 2.03 -10.72
N VAL A 190 0.56 1.21 -11.72
CA VAL A 190 1.76 1.36 -12.55
C VAL A 190 1.82 2.74 -13.21
N SER A 191 0.71 3.14 -13.80
CA SER A 191 0.62 4.44 -14.42
C SER A 191 1.06 5.49 -13.42
N ASN A 192 0.52 5.40 -12.21
CA ASN A 192 0.86 6.32 -11.15
C ASN A 192 2.37 6.34 -10.93
N LYS A 193 2.99 5.16 -10.95
CA LYS A 193 4.42 5.04 -10.75
C LYS A 193 5.25 5.29 -12.00
N THR A 194 4.58 5.63 -13.09
CA THR A 194 5.27 5.92 -14.36
C THR A 194 4.86 7.29 -14.89
N GLU A 195 4.53 8.18 -13.96
CA GLU A 195 4.14 9.54 -14.30
C GLU A 195 3.16 9.57 -15.45
N GLY A 196 2.32 8.54 -15.50
CA GLY A 196 1.31 8.40 -16.54
C GLY A 196 1.83 7.78 -17.81
N ARG A 197 3.15 7.73 -17.93
CA ARG A 197 3.79 7.17 -19.12
C ARG A 197 3.42 5.73 -19.42
N ILE A 198 3.44 4.86 -18.43
CA ILE A 198 3.07 3.49 -18.68
C ILE A 198 1.60 3.26 -18.36
N THR A 199 0.88 2.63 -19.29
CA THR A 199 -0.54 2.33 -19.14
C THR A 199 -0.83 1.13 -20.05
N ASP A 200 -1.46 0.11 -19.47
CA ASP A 200 -1.70 -1.15 -20.17
C ASP A 200 -0.41 -1.99 -20.18
N VAL A 201 -0.11 -2.62 -19.07
CA VAL A 201 1.04 -3.51 -19.02
C VAL A 201 0.39 -4.86 -19.25
N ILE A 202 -0.71 -5.05 -18.54
CA ILE A 202 -1.50 -6.26 -18.57
C ILE A 202 -2.61 -6.15 -19.61
N PRO A 203 -2.53 -6.97 -20.64
CA PRO A 203 -3.52 -6.95 -21.71
C PRO A 203 -4.89 -7.15 -21.12
N SER A 204 -5.90 -6.94 -21.95
CA SER A 204 -7.30 -7.04 -21.55
C SER A 204 -7.70 -8.35 -20.84
N GLU A 205 -7.50 -9.49 -21.50
CA GLU A 205 -7.91 -10.80 -20.94
C GLU A 205 -6.84 -11.61 -20.24
N ALA A 206 -5.79 -10.94 -19.79
CA ALA A 206 -4.68 -11.61 -19.13
C ALA A 206 -5.09 -12.25 -17.81
N ILE A 207 -5.58 -11.41 -16.90
CA ILE A 207 -5.98 -11.82 -15.56
C ILE A 207 -7.42 -12.33 -15.51
N ASN A 208 -7.61 -13.44 -14.79
CA ASN A 208 -8.93 -14.07 -14.66
C ASN A 208 -9.18 -14.64 -13.25
N GLU A 209 -10.34 -15.27 -13.09
CA GLU A 209 -10.75 -15.86 -11.82
C GLU A 209 -9.76 -16.87 -11.26
N LEU A 210 -8.85 -17.34 -12.10
CA LEU A 210 -7.85 -18.31 -11.66
C LEU A 210 -6.53 -17.67 -11.25
N THR A 211 -6.39 -16.37 -11.50
CA THR A 211 -5.15 -15.65 -11.19
C THR A 211 -4.86 -15.59 -9.70
N VAL A 212 -3.71 -16.10 -9.31
CA VAL A 212 -3.29 -16.11 -7.92
C VAL A 212 -2.58 -14.84 -7.50
N LEU A 213 -1.48 -14.56 -8.19
CA LEU A 213 -0.64 -13.41 -7.89
C LEU A 213 -0.14 -12.74 -9.14
N VAL A 214 0.41 -11.54 -8.99
CA VAL A 214 0.92 -10.76 -10.11
C VAL A 214 2.07 -9.89 -9.66
N LEU A 215 3.29 -10.40 -9.81
CA LEU A 215 4.49 -9.64 -9.43
C LEU A 215 4.69 -8.55 -10.46
N VAL A 216 5.04 -7.35 -9.99
CA VAL A 216 5.21 -6.22 -10.89
C VAL A 216 6.39 -5.34 -10.56
N ASN A 217 6.99 -4.77 -11.61
CA ASN A 217 8.07 -3.82 -11.45
C ASN A 217 7.86 -2.61 -12.35
N THR A 218 8.28 -1.46 -11.85
CA THR A 218 8.17 -0.23 -12.59
C THR A 218 9.45 0.54 -12.43
N ILE A 219 9.83 1.25 -13.47
CA ILE A 219 11.01 2.07 -13.45
C ILE A 219 10.68 3.33 -14.20
N TYR A 220 11.15 4.47 -13.69
CA TYR A 220 10.88 5.74 -14.31
C TYR A 220 12.14 6.57 -14.33
N PHE A 221 12.44 7.17 -15.48
CA PHE A 221 13.61 8.02 -15.63
C PHE A 221 13.28 9.30 -16.33
N LYS A 222 13.97 10.34 -15.91
CA LYS A 222 13.85 11.66 -16.50
C LYS A 222 15.19 12.35 -16.24
N GLY A 223 15.85 12.76 -17.31
CA GLY A 223 17.14 13.39 -17.18
C GLY A 223 17.32 14.55 -18.16
N LEU A 224 18.02 15.58 -17.69
CA LEU A 224 18.30 16.78 -18.49
C LEU A 224 19.64 16.59 -19.19
N TRP A 225 19.69 16.94 -20.47
CA TRP A 225 20.94 16.81 -21.20
C TRP A 225 22.02 17.64 -20.54
N LYS A 226 23.15 17.01 -20.20
CA LYS A 226 24.27 17.73 -19.62
C LYS A 226 24.62 18.91 -20.54
N SER A 227 24.20 18.80 -21.80
CA SER A 227 24.43 19.83 -22.82
C SER A 227 23.21 19.78 -23.74
N LYS A 228 22.25 20.66 -23.48
CA LYS A 228 20.98 20.67 -24.21
C LYS A 228 21.02 21.20 -25.63
N PHE A 229 20.05 20.78 -26.43
CA PHE A 229 19.94 21.26 -27.80
C PHE A 229 19.19 22.59 -27.78
N SER A 230 19.19 23.30 -28.91
CA SER A 230 18.48 24.57 -29.01
C SER A 230 17.27 24.41 -29.93
N PRO A 231 16.09 24.64 -29.38
CA PRO A 231 14.85 24.50 -30.15
C PRO A 231 14.95 25.32 -31.43
N GLU A 232 15.61 26.47 -31.31
CA GLU A 232 15.80 27.36 -32.45
C GLU A 232 16.47 26.60 -33.58
N ASN A 233 17.59 25.96 -33.25
CA ASN A 233 18.36 25.18 -34.21
C ASN A 233 17.60 23.96 -34.76
N THR A 234 16.67 23.44 -33.97
CA THR A 234 15.90 22.28 -34.41
C THR A 234 15.20 22.61 -35.71
N ARG A 235 15.02 21.61 -36.56
CA ARG A 235 14.39 21.82 -37.86
C ARG A 235 13.71 20.57 -38.37
N LYS A 236 12.54 20.76 -38.97
CA LYS A 236 11.79 19.62 -39.50
C LYS A 236 12.44 19.08 -40.78
N GLU A 237 12.55 17.76 -40.85
CA GLU A 237 13.12 17.09 -42.01
C GLU A 237 12.04 16.30 -42.74
N LEU A 238 12.47 15.35 -43.56
CA LEU A 238 11.55 14.52 -44.32
C LEU A 238 12.03 13.07 -44.21
N PHE A 239 11.30 12.24 -43.48
CA PHE A 239 11.69 10.85 -43.26
C PHE A 239 11.11 9.80 -44.20
N TYR A 240 11.99 9.11 -44.94
CA TYR A 240 11.55 8.08 -45.87
C TYR A 240 11.41 6.70 -45.25
N LYS A 241 10.23 6.11 -45.37
CA LYS A 241 9.94 4.80 -44.78
C LYS A 241 10.26 3.61 -45.67
N ALA A 242 10.47 2.46 -45.03
CA ALA A 242 10.79 1.21 -45.71
C ALA A 242 9.87 0.88 -46.87
N ASP A 243 8.72 1.54 -46.91
CA ASP A 243 7.74 1.33 -47.96
C ASP A 243 6.81 2.52 -48.08
N GLY A 244 6.68 3.03 -49.29
CA GLY A 244 5.77 4.13 -49.53
C GLY A 244 6.32 5.51 -49.25
N GLU A 245 5.58 6.28 -48.47
CA GLU A 245 5.95 7.63 -48.20
C GLU A 245 6.55 7.99 -46.92
N SER A 246 6.93 9.24 -46.86
CA SER A 246 7.59 9.85 -45.75
C SER A 246 6.73 10.10 -44.57
N CYS A 247 7.27 10.97 -43.75
CA CYS A 247 6.64 11.42 -42.56
C CYS A 247 7.63 12.43 -41.98
N SER A 248 7.13 13.63 -41.75
CA SER A 248 7.95 14.72 -41.26
C SER A 248 8.52 14.45 -39.87
N ALA A 249 9.77 14.85 -39.68
CA ALA A 249 10.47 14.63 -38.43
C ALA A 249 11.26 15.86 -37.98
N SER A 250 11.05 16.26 -36.73
CA SER A 250 11.78 17.39 -36.18
C SER A 250 13.18 16.93 -35.80
N MET A 251 14.14 17.27 -36.65
CA MET A 251 15.53 16.94 -36.43
C MET A 251 16.17 17.99 -35.56
N MET A 252 16.92 17.55 -34.56
CA MET A 252 17.59 18.45 -33.65
C MET A 252 18.99 18.71 -34.12
N TYR A 253 19.64 19.68 -33.51
CA TYR A 253 21.00 20.02 -33.88
C TYR A 253 21.75 20.75 -32.79
N GLN A 254 23.00 20.38 -32.64
CA GLN A 254 23.90 21.05 -31.71
C GLN A 254 25.31 20.67 -32.08
N GLU A 255 26.28 21.32 -31.47
CA GLU A 255 27.67 21.04 -31.76
C GLU A 255 28.44 21.11 -30.47
N GLY A 256 29.43 20.24 -30.33
CA GLY A 256 30.22 20.24 -29.12
C GLY A 256 31.14 19.04 -28.97
N LYS A 257 31.80 18.99 -27.82
CA LYS A 257 32.68 17.92 -27.46
C LYS A 257 31.88 16.77 -26.80
N PHE A 258 32.00 15.58 -27.35
CA PHE A 258 31.30 14.43 -26.81
C PHE A 258 32.19 13.20 -26.90
N ARG A 259 31.91 12.19 -26.08
CA ARG A 259 32.68 10.96 -26.16
C ARG A 259 32.10 10.23 -27.37
N TYR A 260 32.95 10.00 -28.36
CA TYR A 260 32.53 9.39 -29.60
C TYR A 260 33.61 8.51 -30.17
N ARG A 261 33.27 7.78 -31.22
CA ARG A 261 34.20 6.87 -31.85
C ARG A 261 33.51 6.14 -32.97
N ARG A 262 34.05 6.24 -34.18
CA ARG A 262 33.53 5.50 -35.31
C ARG A 262 34.20 4.13 -35.25
N VAL A 263 33.45 3.13 -34.80
CA VAL A 263 33.99 1.79 -34.66
C VAL A 263 34.12 1.07 -36.00
N ALA A 264 34.55 -0.18 -35.95
CA ALA A 264 34.75 -0.99 -37.16
C ALA A 264 33.55 -1.16 -38.07
N GLU A 265 33.82 -1.04 -39.36
CA GLU A 265 32.83 -1.10 -40.45
C GLU A 265 32.12 0.24 -40.60
N GLY A 266 32.73 1.27 -40.00
CA GLY A 266 32.19 2.62 -40.09
C GLY A 266 31.09 2.90 -39.08
N THR A 267 30.87 1.95 -38.17
CA THR A 267 29.84 2.11 -37.15
C THR A 267 30.18 3.24 -36.18
N GLN A 268 29.25 4.18 -36.04
CA GLN A 268 29.44 5.30 -35.13
C GLN A 268 28.86 5.01 -33.76
N VAL A 269 29.52 5.51 -32.73
CA VAL A 269 29.03 5.35 -31.37
C VAL A 269 29.24 6.69 -30.69
N LEU A 270 28.20 7.15 -30.03
CA LEU A 270 28.22 8.45 -29.41
C LEU A 270 27.59 8.35 -28.04
N GLU A 271 28.04 9.18 -27.12
CA GLU A 271 27.48 9.15 -25.80
C GLU A 271 27.03 10.52 -25.33
N LEU A 272 25.73 10.62 -25.08
CA LEU A 272 25.12 11.86 -24.61
C LEU A 272 24.86 11.67 -23.11
N PRO A 273 25.67 12.33 -22.29
CA PRO A 273 25.54 12.22 -20.85
C PRO A 273 24.56 13.22 -20.28
N PHE A 274 23.71 12.75 -19.39
CA PHE A 274 22.74 13.62 -18.73
C PHE A 274 23.44 14.34 -17.58
N LYS A 275 22.83 15.39 -17.05
CA LYS A 275 23.43 16.13 -15.94
C LYS A 275 23.77 15.13 -14.83
N GLY A 276 24.98 15.25 -14.29
CA GLY A 276 25.45 14.32 -13.25
C GLY A 276 26.45 13.34 -13.88
N ASP A 277 26.37 13.15 -15.19
CA ASP A 277 27.30 12.27 -15.88
C ASP A 277 27.21 10.83 -15.36
N ASP A 278 26.32 10.63 -14.39
CA ASP A 278 26.11 9.30 -13.80
C ASP A 278 25.31 8.40 -14.73
N ILE A 279 24.46 9.00 -15.56
CA ILE A 279 23.66 8.24 -16.52
C ILE A 279 23.76 8.91 -17.88
N THR A 280 24.00 8.11 -18.91
CA THR A 280 24.13 8.64 -20.25
C THR A 280 23.46 7.76 -21.27
N MET A 281 22.94 8.40 -22.31
CA MET A 281 22.31 7.71 -23.41
C MET A 281 23.47 7.30 -24.32
N VAL A 282 23.32 6.19 -25.03
CA VAL A 282 24.35 5.73 -25.94
C VAL A 282 23.73 5.29 -27.26
N LEU A 283 23.91 6.14 -28.27
CA LEU A 283 23.39 5.85 -29.59
C LEU A 283 24.39 5.01 -30.36
N ILE A 284 23.88 4.19 -31.26
CA ILE A 284 24.75 3.37 -32.10
C ILE A 284 24.13 3.34 -33.47
N LEU A 285 24.89 3.74 -34.47
CA LEU A 285 24.37 3.83 -35.81
C LEU A 285 25.32 3.30 -36.84
N PRO A 286 24.86 2.26 -37.54
CA PRO A 286 25.65 1.60 -38.55
C PRO A 286 25.90 2.47 -39.78
N LYS A 287 27.01 2.18 -40.46
CA LYS A 287 27.40 2.90 -41.67
C LYS A 287 26.23 3.04 -42.63
N PRO A 288 26.13 4.20 -43.27
CA PRO A 288 25.02 4.47 -44.19
C PRO A 288 24.80 3.34 -45.15
N GLU A 289 23.58 2.82 -45.15
CA GLU A 289 23.23 1.72 -46.03
C GLU A 289 23.68 0.37 -45.53
N LYS A 290 24.42 0.34 -44.41
CA LYS A 290 24.81 -0.96 -43.83
C LYS A 290 23.67 -1.48 -42.90
N SER A 291 23.60 -2.81 -42.77
CA SER A 291 22.56 -3.44 -41.98
C SER A 291 22.78 -3.38 -40.47
N LEU A 292 21.74 -2.96 -39.75
CA LEU A 292 21.80 -2.86 -38.29
C LEU A 292 21.72 -4.25 -37.67
N ALA A 293 21.06 -5.15 -38.37
CA ALA A 293 20.89 -6.51 -37.92
C ALA A 293 22.24 -7.17 -37.65
N LYS A 294 23.20 -6.94 -38.54
CA LYS A 294 24.51 -7.50 -38.36
C LYS A 294 25.06 -7.02 -37.05
N VAL A 295 24.61 -5.83 -36.64
CA VAL A 295 25.09 -5.18 -35.41
C VAL A 295 24.36 -5.69 -34.17
N GLU A 296 23.09 -6.02 -34.36
CA GLU A 296 22.27 -6.56 -33.29
C GLU A 296 22.61 -8.02 -33.09
N LYS A 297 23.06 -8.68 -34.15
CA LYS A 297 23.41 -10.10 -34.08
C LYS A 297 24.70 -10.31 -33.30
N GLU A 298 25.59 -9.35 -33.40
CA GLU A 298 26.87 -9.41 -32.69
C GLU A 298 26.91 -8.48 -31.49
N LEU A 299 25.74 -8.05 -31.07
CA LEU A 299 25.64 -7.18 -29.88
C LEU A 299 25.85 -8.04 -28.64
N THR A 300 26.63 -7.55 -27.70
CA THR A 300 26.94 -8.31 -26.52
C THR A 300 27.60 -7.42 -25.50
N PRO A 301 27.44 -7.78 -24.24
CA PRO A 301 28.03 -7.00 -23.15
C PRO A 301 29.49 -6.75 -23.44
N GLU A 302 30.16 -7.76 -23.98
CA GLU A 302 31.58 -7.66 -24.31
C GLU A 302 31.78 -6.58 -25.38
N VAL A 303 31.10 -6.77 -26.51
CA VAL A 303 31.17 -5.82 -27.60
C VAL A 303 30.83 -4.42 -27.11
N LEU A 304 29.78 -4.31 -26.32
CA LEU A 304 29.31 -3.03 -25.80
C LEU A 304 30.36 -2.35 -24.95
N GLN A 305 31.04 -3.12 -24.12
CA GLN A 305 32.08 -2.55 -23.27
C GLN A 305 33.25 -2.14 -24.16
N GLU A 306 33.42 -2.87 -25.26
CA GLU A 306 34.47 -2.59 -26.22
C GLU A 306 34.32 -1.19 -26.82
N TRP A 307 33.20 -0.94 -27.51
CA TRP A 307 32.95 0.38 -28.09
C TRP A 307 33.11 1.44 -27.01
N LEU A 308 32.40 1.24 -25.91
CA LEU A 308 32.42 2.17 -24.79
C LEU A 308 33.83 2.46 -24.30
N ASP A 309 34.71 1.49 -24.47
CA ASP A 309 36.09 1.67 -24.05
C ASP A 309 36.88 2.48 -25.07
N GLU A 310 36.57 2.28 -26.34
CA GLU A 310 37.27 2.96 -27.42
C GLU A 310 36.83 4.42 -27.60
N LEU A 311 35.82 4.84 -26.84
CA LEU A 311 35.31 6.21 -26.96
C LEU A 311 36.39 7.22 -26.66
N GLU A 312 36.22 8.43 -27.18
CA GLU A 312 37.20 9.49 -26.95
C GLU A 312 36.62 10.88 -27.13
N GLU A 313 37.04 11.80 -26.27
CA GLU A 313 36.57 13.17 -26.30
C GLU A 313 36.87 13.77 -27.66
N MET A 314 35.95 14.61 -28.13
CA MET A 314 36.09 15.23 -29.43
C MET A 314 35.09 16.34 -29.65
N MET A 315 35.28 17.07 -30.72
CA MET A 315 34.36 18.10 -31.09
C MET A 315 33.55 17.48 -32.23
N LEU A 316 32.28 17.83 -32.33
CA LEU A 316 31.44 17.25 -33.38
C LEU A 316 30.21 18.07 -33.61
N VAL A 317 29.30 17.51 -34.40
CA VAL A 317 28.02 18.12 -34.71
C VAL A 317 26.99 17.00 -34.60
N VAL A 318 26.16 17.06 -33.57
CA VAL A 318 25.16 16.02 -33.36
C VAL A 318 23.81 16.35 -33.98
N HIS A 319 23.28 15.40 -34.73
CA HIS A 319 21.97 15.56 -35.33
C HIS A 319 21.18 14.33 -34.88
N MET A 320 20.13 14.55 -34.10
CA MET A 320 19.30 13.45 -33.63
C MET A 320 17.87 13.95 -33.51
N PRO A 321 16.95 13.14 -34.03
CA PRO A 321 15.55 13.51 -34.06
C PRO A 321 14.94 13.70 -32.68
N ARG A 322 13.94 14.58 -32.62
CA ARG A 322 13.17 14.84 -31.40
C ARG A 322 11.99 13.90 -31.57
N PHE A 323 11.85 12.93 -30.67
CA PHE A 323 10.79 11.93 -30.80
C PHE A 323 10.38 11.26 -29.50
N ARG A 324 9.57 10.21 -29.63
CA ARG A 324 9.16 9.39 -28.49
C ARG A 324 8.66 8.05 -29.05
N ILE A 325 8.92 6.97 -28.32
CA ILE A 325 8.46 5.65 -28.74
C ILE A 325 7.83 4.92 -27.56
N GLU A 326 6.97 3.95 -27.86
CA GLU A 326 6.27 3.19 -26.84
C GLU A 326 6.17 1.75 -27.28
N ASP A 327 6.91 0.87 -26.61
CA ASP A 327 6.92 -0.55 -26.95
C ASP A 327 6.06 -1.35 -25.99
N GLY A 328 5.67 -2.55 -26.40
CA GLY A 328 4.87 -3.44 -25.58
C GLY A 328 4.93 -4.85 -26.14
N PHE A 329 4.91 -5.84 -25.25
CA PHE A 329 4.98 -7.23 -25.69
C PHE A 329 5.02 -8.23 -24.53
N SER A 330 4.71 -9.47 -24.85
CA SER A 330 4.72 -10.57 -23.87
C SER A 330 6.14 -11.18 -23.87
N LEU A 331 6.68 -11.44 -22.69
CA LEU A 331 8.03 -12.01 -22.57
C LEU A 331 8.04 -13.53 -22.59
N LYS A 332 6.86 -14.13 -22.63
CA LYS A 332 6.74 -15.57 -22.59
C LYS A 332 7.42 -16.28 -23.75
N GLU A 333 7.03 -15.91 -24.96
CA GLU A 333 7.56 -16.55 -26.15
C GLU A 333 9.06 -16.54 -26.21
N GLN A 334 9.66 -15.38 -25.94
CA GLN A 334 11.12 -15.26 -26.00
C GLN A 334 11.82 -15.99 -24.87
N LEU A 335 11.32 -15.80 -23.65
CA LEU A 335 11.91 -16.43 -22.46
C LEU A 335 11.84 -17.95 -22.55
N GLN A 336 10.81 -18.45 -23.20
CA GLN A 336 10.68 -19.88 -23.39
C GLN A 336 11.83 -20.33 -24.27
N ASP A 337 12.07 -19.58 -25.34
CA ASP A 337 13.16 -19.88 -26.28
C ASP A 337 14.55 -19.78 -25.64
N MET A 338 14.69 -19.02 -24.55
CA MET A 338 15.98 -18.88 -23.88
C MET A 338 16.24 -19.98 -22.83
N GLY A 339 15.17 -20.65 -22.38
CA GLY A 339 15.32 -21.70 -21.37
C GLY A 339 14.26 -21.67 -20.27
N LEU A 340 13.67 -20.50 -20.04
CA LEU A 340 12.65 -20.38 -19.01
C LEU A 340 11.34 -20.98 -19.52
N VAL A 341 11.33 -22.31 -19.44
CA VAL A 341 10.25 -23.22 -19.80
C VAL A 341 9.35 -23.66 -18.60
N ASP A 342 9.93 -24.32 -17.60
CA ASP A 342 9.14 -24.80 -16.46
C ASP A 342 8.22 -23.75 -15.83
N LEU A 343 8.72 -22.53 -15.69
CA LEU A 343 7.93 -21.47 -15.10
C LEU A 343 6.56 -21.31 -15.72
N PHE A 344 6.48 -21.39 -17.04
CA PHE A 344 5.20 -21.22 -17.74
C PHE A 344 4.39 -22.52 -17.90
N SER A 345 4.95 -23.64 -17.45
CA SER A 345 4.27 -24.93 -17.54
C SER A 345 3.35 -25.24 -16.34
N PRO A 346 2.05 -25.20 -16.56
CA PRO A 346 1.09 -25.52 -15.51
C PRO A 346 1.45 -26.83 -14.84
N GLU A 347 1.98 -27.76 -15.63
CA GLU A 347 2.38 -29.05 -15.10
C GLU A 347 3.72 -29.04 -14.36
N LYS A 348 4.75 -28.47 -14.99
CA LYS A 348 6.10 -28.46 -14.41
C LYS A 348 6.41 -27.29 -13.48
N SER A 349 5.62 -26.23 -13.53
CA SER A 349 5.87 -25.03 -12.72
C SER A 349 5.93 -25.29 -11.23
N LYS A 350 6.96 -24.71 -10.58
CA LYS A 350 7.19 -24.88 -9.14
C LYS A 350 7.42 -23.56 -8.40
N LEU A 351 6.34 -23.04 -7.80
CA LEU A 351 6.38 -21.78 -7.05
C LEU A 351 5.71 -22.00 -5.70
N PRO A 352 6.15 -23.06 -5.03
CA PRO A 352 5.60 -23.45 -3.74
C PRO A 352 5.74 -22.46 -2.58
N GLY A 353 6.63 -21.49 -2.72
CA GLY A 353 6.88 -20.54 -1.64
C GLY A 353 5.91 -19.37 -1.53
N ILE A 354 5.03 -19.21 -2.50
CA ILE A 354 4.10 -18.08 -2.51
C ILE A 354 2.85 -18.17 -1.63
N VAL A 355 2.00 -19.15 -1.89
CA VAL A 355 0.78 -19.30 -1.10
C VAL A 355 0.95 -20.39 -0.03
N ALA A 356 0.84 -20.00 1.24
CA ALA A 356 0.96 -20.95 2.34
C ALA A 356 -0.24 -21.91 2.33
N GLU A 357 -1.44 -21.34 2.19
CA GLU A 357 -2.67 -22.13 2.17
C GLU A 357 -3.72 -21.43 1.31
N GLY A 358 -4.36 -22.19 0.43
CA GLY A 358 -5.37 -21.65 -0.48
C GLY A 358 -5.21 -22.38 -1.83
N ARG A 359 -5.23 -21.64 -2.93
CA ARG A 359 -5.06 -22.23 -4.24
C ARG A 359 -3.59 -22.52 -4.55
N ASP A 360 -3.29 -23.77 -4.87
CA ASP A 360 -1.93 -24.17 -5.25
C ASP A 360 -1.80 -24.49 -6.76
N ASP A 361 -0.68 -25.13 -7.13
CA ASP A 361 -0.43 -25.50 -8.52
C ASP A 361 -0.25 -24.26 -9.40
N LEU A 362 0.51 -23.29 -8.90
CA LEU A 362 0.75 -22.04 -9.62
C LEU A 362 1.72 -22.16 -10.77
N TYR A 363 1.60 -21.25 -11.73
CA TYR A 363 2.44 -21.21 -12.93
C TYR A 363 2.26 -19.84 -13.57
N VAL A 364 3.30 -19.32 -14.21
CA VAL A 364 3.17 -18.02 -14.87
C VAL A 364 2.36 -18.18 -16.15
N SER A 365 1.19 -17.54 -16.20
CA SER A 365 0.31 -17.62 -17.35
C SER A 365 0.94 -16.83 -18.49
N ASP A 366 1.63 -15.75 -18.13
CA ASP A 366 2.30 -14.91 -19.10
C ASP A 366 2.91 -13.72 -18.40
N ALA A 367 3.84 -13.05 -19.07
CA ALA A 367 4.49 -11.87 -18.51
C ALA A 367 4.48 -10.78 -19.56
N PHE A 368 4.31 -9.54 -19.11
CA PHE A 368 4.22 -8.42 -20.02
C PHE A 368 5.18 -7.33 -19.67
N HIS A 369 5.48 -6.50 -20.67
CA HIS A 369 6.38 -5.40 -20.49
C HIS A 369 5.90 -4.29 -21.37
N LYS A 370 6.25 -3.07 -20.99
CA LYS A 370 5.86 -1.91 -21.77
C LYS A 370 6.80 -0.79 -21.40
N ALA A 371 7.37 -0.15 -22.40
CA ALA A 371 8.32 0.94 -22.17
C ALA A 371 8.00 2.13 -23.04
N PHE A 372 8.47 3.29 -22.58
CA PHE A 372 8.21 4.55 -23.24
C PHE A 372 9.47 5.36 -23.23
N LEU A 373 9.75 6.01 -24.35
CA LEU A 373 10.92 6.85 -24.46
C LEU A 373 10.52 8.15 -25.14
N GLU A 374 11.13 9.24 -24.69
CA GLU A 374 10.86 10.55 -25.25
C GLU A 374 12.16 11.32 -25.20
N VAL A 375 12.48 12.00 -26.28
CA VAL A 375 13.73 12.74 -26.38
C VAL A 375 13.50 14.12 -26.97
N ASN A 376 14.10 15.13 -26.35
CA ASN A 376 13.94 16.50 -26.80
C ASN A 376 15.14 17.37 -26.47
N GLU A 377 15.01 18.66 -26.74
CA GLU A 377 16.10 19.60 -26.51
C GLU A 377 16.52 19.75 -25.05
N GLU A 378 15.61 19.48 -24.13
CA GLU A 378 15.89 19.66 -22.68
C GLU A 378 16.52 18.44 -22.00
N GLY A 379 16.25 17.25 -22.54
CA GLY A 379 16.80 16.02 -21.96
C GLY A 379 16.05 14.80 -22.48
N SER A 380 16.04 13.74 -21.69
CA SER A 380 15.31 12.55 -22.07
C SER A 380 14.46 11.96 -20.96
N GLU A 381 13.33 11.34 -21.36
CA GLU A 381 12.42 10.70 -20.42
C GLU A 381 12.04 9.31 -20.95
N ALA A 382 12.08 8.32 -20.05
CA ALA A 382 11.76 6.95 -20.40
C ALA A 382 11.20 6.21 -19.18
N ALA A 383 10.26 5.31 -19.43
CA ALA A 383 9.62 4.57 -18.36
C ALA A 383 9.26 3.17 -18.84
N ALA A 384 9.22 2.23 -17.92
CA ALA A 384 8.88 0.87 -18.28
C ALA A 384 8.30 0.14 -17.09
N SER A 385 7.79 -1.06 -17.34
CA SER A 385 7.22 -1.88 -16.30
C SER A 385 7.12 -3.32 -16.77
N THR A 386 7.16 -4.24 -15.83
CA THR A 386 7.06 -5.66 -16.15
C THR A 386 6.09 -6.29 -15.19
N ALA A 387 5.19 -7.11 -15.74
CA ALA A 387 4.16 -7.74 -14.95
C ALA A 387 4.06 -9.23 -15.17
N VAL A 388 4.59 -9.99 -14.21
CA VAL A 388 4.50 -11.45 -14.25
C VAL A 388 3.18 -11.81 -13.55
N VAL A 389 2.29 -12.48 -14.28
CA VAL A 389 1.00 -12.88 -13.74
C VAL A 389 0.86 -14.39 -13.51
N ILE A 390 0.53 -14.76 -12.27
CA ILE A 390 0.38 -16.16 -11.91
C ILE A 390 -0.97 -16.83 -12.22
N ALA A 391 -0.92 -17.89 -13.02
CA ALA A 391 -2.07 -18.71 -13.31
C ALA A 391 -3.25 -18.16 -14.06
N GLY A 392 -3.04 -17.12 -14.86
CA GLY A 392 -4.15 -16.52 -15.62
C GLY A 392 -4.30 -16.96 -17.09
N ARG A 393 -4.80 -16.03 -17.90
CA ARG A 393 -4.99 -16.22 -19.36
C ARG A 393 -3.66 -15.97 -20.10
N SER A 394 -3.27 -16.93 -20.93
CA SER A 394 -2.04 -16.79 -21.71
C SER A 394 -2.39 -16.24 -23.10
N LEU A 395 -1.65 -15.21 -23.51
CA LEU A 395 -1.84 -14.55 -24.79
C LEU A 395 -3.04 -13.61 -24.72
N ASN A 405 11.41 1.82 -42.54
CA ASN A 405 11.87 2.83 -41.57
C ASN A 405 13.35 2.56 -41.28
N ARG A 406 14.17 3.61 -41.26
CA ARG A 406 15.61 3.44 -40.97
C ARG A 406 16.00 3.65 -39.51
N PRO A 407 16.25 2.54 -38.85
CA PRO A 407 16.68 2.48 -37.43
C PRO A 407 18.12 2.85 -37.09
N PHE A 408 18.29 2.87 -35.75
CA PHE A 408 19.55 3.10 -34.99
C PHE A 408 19.30 2.69 -33.53
N LEU A 409 20.35 2.22 -32.86
CA LEU A 409 20.26 1.70 -31.46
C LEU A 409 20.36 2.83 -30.42
N VAL A 410 19.75 2.56 -29.28
CA VAL A 410 19.75 3.50 -28.13
C VAL A 410 20.03 2.73 -26.85
N PHE A 411 20.61 3.42 -25.88
CA PHE A 411 20.96 2.81 -24.59
C PHE A 411 20.93 3.85 -23.48
N ILE A 412 20.47 3.44 -22.31
CA ILE A 412 20.45 4.32 -21.14
C ILE A 412 21.11 3.49 -20.04
N ARG A 413 22.36 3.81 -19.77
CA ARG A 413 23.14 3.07 -18.81
C ARG A 413 23.44 3.86 -17.57
N GLU A 414 23.67 3.14 -16.48
CA GLU A 414 24.07 3.77 -15.21
C GLU A 414 25.55 3.45 -15.14
N VAL A 415 26.37 4.39 -15.61
CA VAL A 415 27.80 4.19 -15.74
C VAL A 415 28.52 3.60 -14.54
N PRO A 416 28.43 4.29 -13.42
CA PRO A 416 29.11 3.83 -12.23
C PRO A 416 28.71 2.40 -11.88
N LEU A 417 27.43 2.07 -12.07
CA LEU A 417 26.90 0.75 -11.75
C LEU A 417 26.91 -0.30 -12.86
N ASN A 418 27.28 0.10 -14.08
CA ASN A 418 27.38 -0.84 -15.21
C ASN A 418 26.05 -1.45 -15.61
N THR A 419 24.95 -0.78 -15.29
CA THR A 419 23.65 -1.32 -15.64
C THR A 419 22.97 -0.67 -16.83
N ILE A 420 22.41 -1.50 -17.70
CA ILE A 420 21.66 -1.03 -18.84
C ILE A 420 20.21 -0.90 -18.32
N ILE A 421 19.77 0.33 -18.09
CA ILE A 421 18.43 0.57 -17.58
C ILE A 421 17.41 0.40 -18.68
N PHE A 422 17.64 1.06 -19.80
CA PHE A 422 16.76 0.98 -20.96
C PHE A 422 17.59 0.70 -22.19
N MET A 423 16.91 0.31 -23.26
CA MET A 423 17.57 -0.01 -24.51
C MET A 423 16.50 -0.09 -25.57
N GLY A 424 16.90 -0.20 -26.83
CA GLY A 424 15.93 -0.25 -27.92
C GLY A 424 16.53 0.22 -29.23
N ARG A 425 15.69 0.32 -30.25
CA ARG A 425 16.12 0.72 -31.57
C ARG A 425 15.10 1.71 -32.11
N VAL A 426 15.58 2.89 -32.49
CA VAL A 426 14.68 3.92 -33.03
C VAL A 426 14.58 3.83 -34.55
N ALA A 427 13.40 3.45 -35.03
CA ALA A 427 13.19 3.27 -36.45
C ALA A 427 12.25 4.27 -37.10
N ASN A 428 11.57 5.07 -36.30
CA ASN A 428 10.65 6.07 -36.88
C ASN A 428 10.48 7.28 -35.95
N PRO A 429 11.26 8.32 -36.20
CA PRO A 429 11.19 9.56 -35.44
C PRO A 429 9.86 10.30 -35.61
N CYS A 430 9.25 10.11 -36.77
CA CYS A 430 7.99 10.76 -37.10
C CYS A 430 6.94 10.61 -36.02
N VAL A 431 6.46 9.39 -35.85
CA VAL A 431 5.47 9.04 -34.85
C VAL A 431 4.37 10.08 -34.64
N ILE B 7 -18.58 21.73 34.15
CA ILE B 7 -19.61 21.67 33.13
C ILE B 7 -19.93 20.21 32.80
N CYS B 8 -20.04 19.92 31.51
CA CYS B 8 -20.39 18.61 30.96
C CYS B 8 -21.90 18.52 30.87
N THR B 9 -22.43 18.59 29.67
CA THR B 9 -23.87 18.51 29.46
C THR B 9 -24.59 19.70 30.05
N ALA B 10 -23.97 20.33 31.05
CA ALA B 10 -24.55 21.51 31.68
C ALA B 10 -23.94 22.78 31.07
N LYS B 11 -24.47 23.21 29.91
CA LYS B 11 -23.98 24.42 29.22
C LYS B 11 -24.80 24.68 27.95
N PRO B 12 -25.87 25.45 28.06
CA PRO B 12 -26.74 25.76 26.91
C PRO B 12 -26.11 26.57 25.76
N ARG B 13 -24.94 26.14 25.28
CA ARG B 13 -24.25 26.83 24.19
C ARG B 13 -23.71 28.19 24.62
N ASP B 14 -23.85 28.49 25.91
CA ASP B 14 -23.34 29.73 26.50
C ASP B 14 -21.83 29.55 26.67
N ILE B 15 -21.17 29.22 25.57
CA ILE B 15 -19.75 28.97 25.56
C ILE B 15 -19.15 29.33 24.20
N PRO B 16 -18.34 30.37 24.20
CA PRO B 16 -17.69 30.84 22.97
C PRO B 16 -16.83 29.72 22.43
N MET B 17 -16.43 29.83 21.16
CA MET B 17 -15.59 28.81 20.52
C MET B 17 -14.80 29.26 19.28
N ASN B 18 -13.75 28.47 18.96
CA ASN B 18 -12.81 28.58 17.82
C ASN B 18 -13.36 29.36 16.65
N PRO B 19 -13.37 30.69 16.77
CA PRO B 19 -13.84 31.58 15.72
C PRO B 19 -12.82 32.01 14.63
N MET B 20 -12.03 31.10 14.08
CA MET B 20 -11.09 31.51 13.01
C MET B 20 -11.71 31.26 11.62
N CYS B 21 -12.16 30.03 11.41
CA CYS B 21 -12.79 29.63 10.16
C CYS B 21 -14.03 28.77 10.51
N ILE B 22 -15.14 29.07 9.87
CA ILE B 22 -16.42 28.42 10.14
C ILE B 22 -17.00 27.96 8.83
N TYR B 23 -17.46 26.70 8.81
CA TYR B 23 -18.07 26.13 7.63
C TYR B 23 -19.52 25.77 7.94
N ARG B 24 -20.44 26.19 7.09
CA ARG B 24 -21.84 25.90 7.28
C ARG B 24 -22.26 24.74 6.40
N SER B 25 -22.70 23.66 7.03
CA SER B 25 -23.11 22.48 6.30
C SER B 25 -24.30 22.75 5.40
N PRO B 26 -24.35 22.06 4.26
CA PRO B 26 -25.45 22.21 3.32
C PRO B 26 -26.74 21.66 3.96
N GLU B 27 -27.88 22.17 3.48
CA GLU B 27 -29.18 21.71 3.97
C GLU B 27 -29.46 20.32 3.38
N THR B 44 -35.45 10.68 26.39
CA THR B 44 -35.55 9.89 25.18
C THR B 44 -34.67 10.50 24.05
N ASN B 45 -33.37 10.67 24.45
CA ASN B 45 -32.16 11.23 23.69
C ASN B 45 -32.16 12.73 23.35
N ARG B 46 -31.08 13.15 22.64
CA ARG B 46 -30.83 14.57 22.22
C ARG B 46 -30.47 14.80 20.74
N ARG B 47 -29.56 15.77 20.52
CA ARG B 47 -29.02 16.13 19.19
C ARG B 47 -27.59 15.60 18.94
N VAL B 48 -27.02 14.95 19.94
CA VAL B 48 -25.72 14.33 19.82
C VAL B 48 -26.00 13.01 19.06
N TRP B 49 -27.29 12.77 18.83
CA TRP B 49 -27.76 11.61 18.07
C TRP B 49 -27.34 11.88 16.64
N GLU B 50 -27.38 13.15 16.27
CA GLU B 50 -26.98 13.58 14.94
C GLU B 50 -25.47 13.38 14.84
N LEU B 51 -24.75 13.76 15.88
CA LEU B 51 -23.29 13.62 15.91
C LEU B 51 -22.86 12.16 15.87
N SER B 52 -23.55 11.34 16.63
CA SER B 52 -23.21 9.93 16.66
C SER B 52 -23.54 9.32 15.31
N LYS B 53 -24.62 9.81 14.70
CA LYS B 53 -25.07 9.32 13.40
C LYS B 53 -24.03 9.70 12.34
N ALA B 54 -23.36 10.83 12.55
CA ALA B 54 -22.30 11.26 11.67
C ALA B 54 -21.11 10.35 11.92
N ASN B 55 -20.73 10.26 13.19
CA ASN B 55 -19.61 9.44 13.64
C ASN B 55 -19.69 8.00 13.13
N SER B 56 -20.90 7.57 12.75
CA SER B 56 -21.11 6.21 12.26
C SER B 56 -21.04 6.12 10.75
N ARG B 57 -21.24 7.26 10.09
CA ARG B 57 -21.13 7.29 8.62
C ARG B 57 -19.66 7.11 8.28
N PHE B 58 -18.78 7.78 9.01
CA PHE B 58 -17.36 7.66 8.79
C PHE B 58 -16.89 6.27 9.17
N ALA B 59 -17.50 5.71 10.22
CA ALA B 59 -17.14 4.38 10.72
C ALA B 59 -17.27 3.28 9.70
N THR B 60 -18.46 3.16 9.13
CA THR B 60 -18.71 2.11 8.13
C THR B 60 -17.99 2.48 6.85
N THR B 61 -18.15 3.75 6.46
CA THR B 61 -17.54 4.28 5.26
C THR B 61 -16.03 4.06 5.27
N PHE B 62 -15.40 4.36 6.40
CA PHE B 62 -13.95 4.18 6.54
C PHE B 62 -13.66 2.69 6.60
N TYR B 63 -14.40 1.99 7.44
CA TYR B 63 -14.21 0.55 7.60
C TYR B 63 -14.22 -0.16 6.26
N GLN B 64 -15.22 0.17 5.44
CA GLN B 64 -15.35 -0.42 4.11
C GLN B 64 -14.05 -0.24 3.33
N HIS B 65 -13.50 0.97 3.36
CA HIS B 65 -12.25 1.25 2.68
C HIS B 65 -11.14 0.40 3.27
N LEU B 66 -10.95 0.51 4.58
CA LEU B 66 -9.91 -0.25 5.26
C LEU B 66 -9.98 -1.75 4.95
N ALA B 67 -11.18 -2.30 5.00
CA ALA B 67 -11.36 -3.71 4.73
C ALA B 67 -10.93 -4.08 3.32
N ASP B 68 -11.39 -3.28 2.34
CA ASP B 68 -11.09 -3.51 0.94
C ASP B 68 -9.60 -3.69 0.67
N SER B 69 -8.77 -3.04 1.47
CA SER B 69 -7.33 -3.12 1.29
C SER B 69 -6.73 -4.35 1.95
N LYS B 70 -7.59 -5.14 2.57
CA LYS B 70 -7.16 -6.32 3.30
C LYS B 70 -7.48 -7.63 2.61
N ASN B 71 -6.84 -8.69 3.08
CA ASN B 71 -7.09 -10.03 2.57
C ASN B 71 -8.19 -10.63 3.45
N ASP B 72 -9.13 -11.30 2.81
CA ASP B 72 -10.27 -11.91 3.45
C ASP B 72 -9.91 -12.66 4.74
N ASN B 73 -8.74 -13.28 4.74
CA ASN B 73 -8.27 -14.05 5.90
C ASN B 73 -7.69 -13.16 7.00
N ASP B 74 -7.77 -11.86 6.81
CA ASP B 74 -7.23 -10.91 7.78
C ASP B 74 -8.27 -10.40 8.78
N ASN B 75 -7.87 -10.39 10.05
CA ASN B 75 -8.70 -9.84 11.11
C ASN B 75 -8.51 -8.33 11.03
N ILE B 76 -9.43 -7.59 11.62
CA ILE B 76 -9.33 -6.15 11.62
C ILE B 76 -9.95 -5.61 12.89
N PHE B 77 -9.28 -4.65 13.50
CA PHE B 77 -9.80 -4.02 14.70
C PHE B 77 -9.36 -2.58 14.74
N LEU B 78 -10.24 -1.73 15.22
CA LEU B 78 -9.98 -0.32 15.31
C LEU B 78 -11.03 0.29 16.21
N SER B 79 -10.90 1.59 16.44
CA SER B 79 -11.87 2.33 17.21
C SER B 79 -12.17 3.57 16.37
N PRO B 80 -13.24 3.51 15.59
CA PRO B 80 -13.58 4.64 14.75
C PRO B 80 -13.86 5.87 15.59
N LEU B 81 -14.34 5.66 16.82
CA LEU B 81 -14.63 6.77 17.71
C LEU B 81 -13.37 7.55 17.99
N SER B 82 -12.27 6.82 18.18
CA SER B 82 -10.97 7.42 18.46
C SER B 82 -10.50 8.28 17.31
N ILE B 83 -10.62 7.73 16.09
CA ILE B 83 -10.20 8.41 14.86
C ILE B 83 -10.99 9.69 14.63
N SER B 84 -12.29 9.63 14.89
CA SER B 84 -13.16 10.79 14.72
C SER B 84 -12.83 11.87 15.75
N THR B 85 -12.45 11.44 16.94
CA THR B 85 -12.12 12.37 18.01
C THR B 85 -10.77 13.04 17.77
N ALA B 86 -9.78 12.22 17.40
CA ALA B 86 -8.43 12.72 17.15
C ALA B 86 -8.36 13.66 15.97
N PHE B 87 -9.29 13.51 15.05
CA PHE B 87 -9.33 14.35 13.87
C PHE B 87 -10.21 15.57 14.08
N ALA B 88 -11.23 15.38 14.90
CA ALA B 88 -12.11 16.47 15.25
C ALA B 88 -11.26 17.43 16.09
N MET B 89 -10.34 16.86 16.88
CA MET B 89 -9.44 17.65 17.71
C MET B 89 -8.58 18.51 16.82
N THR B 90 -8.08 17.89 15.76
CA THR B 90 -7.21 18.56 14.80
C THR B 90 -7.93 19.66 14.03
N LYS B 91 -9.23 19.46 13.83
CA LYS B 91 -10.05 20.38 13.08
C LYS B 91 -10.17 21.73 13.76
N LEU B 92 -9.80 21.79 15.03
CA LEU B 92 -9.89 23.03 15.78
C LEU B 92 -9.04 24.13 15.16
N GLY B 93 -7.88 23.74 14.62
CA GLY B 93 -6.97 24.70 14.01
C GLY B 93 -7.11 24.77 12.49
N ALA B 94 -8.02 23.98 11.94
CA ALA B 94 -8.22 23.93 10.49
C ALA B 94 -8.85 25.16 9.88
N CYS B 95 -8.68 25.30 8.58
CA CYS B 95 -9.24 26.44 7.89
C CYS B 95 -9.51 26.17 6.40
N ASN B 96 -10.41 26.96 5.83
CA ASN B 96 -10.75 26.85 4.41
C ASN B 96 -11.05 25.42 3.99
N ASP B 97 -10.44 25.00 2.88
CA ASP B 97 -10.64 23.67 2.29
C ASP B 97 -10.25 22.55 3.25
N THR B 98 -9.23 22.76 4.08
CA THR B 98 -8.80 21.74 5.01
C THR B 98 -9.96 21.43 5.93
N LEU B 99 -10.56 22.49 6.45
CA LEU B 99 -11.69 22.37 7.34
C LEU B 99 -12.83 21.64 6.65
N GLN B 100 -13.26 22.18 5.51
CA GLN B 100 -14.36 21.58 4.76
C GLN B 100 -14.18 20.10 4.55
N GLN B 101 -12.98 19.73 4.09
CA GLN B 101 -12.66 18.34 3.83
C GLN B 101 -12.79 17.52 5.10
N LEU B 102 -12.36 18.08 6.22
CA LEU B 102 -12.47 17.42 7.51
C LEU B 102 -13.96 17.29 7.85
N MET B 103 -14.71 18.34 7.58
CA MET B 103 -16.14 18.35 7.82
C MET B 103 -16.83 17.34 6.91
N GLU B 104 -16.33 17.23 5.68
CA GLU B 104 -16.92 16.31 4.70
C GLU B 104 -16.47 14.87 4.87
N VAL B 105 -15.16 14.66 4.99
CA VAL B 105 -14.63 13.31 5.13
C VAL B 105 -15.09 12.58 6.38
N PHE B 106 -15.37 13.34 7.43
CA PHE B 106 -15.82 12.77 8.70
C PHE B 106 -17.31 12.85 8.86
N LYS B 107 -18.02 13.04 7.76
CA LYS B 107 -19.47 13.12 7.76
C LYS B 107 -20.04 14.20 8.66
N PHE B 108 -19.19 15.07 9.17
CA PHE B 108 -19.67 16.16 10.03
C PHE B 108 -20.64 17.06 9.25
N ASP B 109 -20.47 17.11 7.94
CA ASP B 109 -21.31 17.93 7.07
C ASP B 109 -22.67 17.27 6.87
N THR B 110 -22.74 15.99 7.25
CA THR B 110 -23.98 15.22 7.12
C THR B 110 -25.06 15.69 8.10
N ILE B 111 -24.63 16.39 9.14
CA ILE B 111 -25.55 16.92 10.16
C ILE B 111 -26.51 17.98 9.55
N SER B 112 -25.99 18.78 8.62
CA SER B 112 -26.83 19.73 7.87
C SER B 112 -27.31 21.01 8.54
N GLU B 113 -26.82 22.14 8.02
CA GLU B 113 -27.17 23.50 8.49
C GLU B 113 -26.33 23.92 9.69
N LYS B 114 -25.88 22.95 10.44
CA LYS B 114 -25.06 23.21 11.63
C LYS B 114 -23.68 23.71 11.24
N THR B 115 -23.19 24.69 11.99
CA THR B 115 -21.89 25.27 11.76
C THR B 115 -20.76 24.33 12.21
N SER B 116 -19.58 24.55 11.65
CA SER B 116 -18.42 23.72 11.96
C SER B 116 -18.07 23.68 13.44
N ASP B 117 -18.17 24.83 14.09
CA ASP B 117 -17.82 24.95 15.50
C ASP B 117 -18.82 24.18 16.37
N GLN B 118 -20.09 24.17 15.99
CA GLN B 118 -21.11 23.49 16.77
C GLN B 118 -20.80 22.02 16.97
N ILE B 119 -20.08 21.45 16.01
CA ILE B 119 -19.71 20.04 16.09
C ILE B 119 -18.91 19.76 17.34
N HIS B 120 -18.08 20.71 17.72
CA HIS B 120 -17.23 20.58 18.89
C HIS B 120 -18.05 20.66 20.16
N PHE B 121 -19.12 21.45 20.12
CA PHE B 121 -20.00 21.57 21.28
C PHE B 121 -20.76 20.26 21.47
N PHE B 122 -21.00 19.57 20.37
CA PHE B 122 -21.71 18.30 20.41
C PHE B 122 -20.78 17.17 20.80
N PHE B 123 -19.54 17.23 20.33
CA PHE B 123 -18.56 16.20 20.62
C PHE B 123 -18.24 16.17 22.12
N ALA B 124 -18.38 17.33 22.75
CA ALA B 124 -18.14 17.45 24.18
C ALA B 124 -19.32 16.78 24.91
N LYS B 125 -20.53 17.12 24.48
CA LYS B 125 -21.73 16.55 25.06
C LYS B 125 -21.74 15.04 24.87
N LEU B 126 -21.25 14.59 23.71
CA LEU B 126 -21.20 13.16 23.40
C LEU B 126 -20.18 12.45 24.30
N ASN B 127 -18.99 13.03 24.39
CA ASN B 127 -17.96 12.45 25.22
C ASN B 127 -18.44 12.48 26.67
N CYS B 128 -19.08 13.59 27.04
CA CYS B 128 -19.60 13.75 28.39
C CYS B 128 -20.44 12.57 28.80
N ARG B 129 -21.16 12.01 27.83
CA ARG B 129 -22.06 10.90 28.06
C ARG B 129 -21.39 9.55 27.90
N LEU B 130 -20.43 9.47 26.99
CA LEU B 130 -19.69 8.21 26.74
C LEU B 130 -18.86 7.86 27.97
N TYR B 131 -17.84 8.67 28.19
CA TYR B 131 -16.94 8.52 29.32
C TYR B 131 -17.65 9.35 30.38
N ARG B 132 -18.25 8.70 31.37
CA ARG B 132 -19.09 9.41 32.34
C ARG B 132 -18.80 9.25 33.81
N LYS B 133 -18.11 8.18 34.18
CA LYS B 133 -17.84 7.91 35.59
C LYS B 133 -19.12 7.42 36.26
N ALA B 134 -19.24 6.10 36.40
CA ALA B 134 -20.42 5.52 36.99
C ALA B 134 -20.10 4.33 37.90
N ASN B 135 -20.96 4.13 38.89
CA ASN B 135 -20.82 3.04 39.86
C ASN B 135 -21.09 1.70 39.20
N LYS B 136 -20.67 1.56 37.96
CA LYS B 136 -20.90 0.33 37.20
C LYS B 136 -19.71 -0.61 37.13
N SER B 137 -19.83 -1.63 36.28
CA SER B 137 -18.78 -2.63 36.09
C SER B 137 -18.39 -2.68 34.62
N SER B 138 -18.04 -1.51 34.09
CA SER B 138 -17.61 -1.37 32.72
C SER B 138 -16.75 -0.13 32.61
N LYS B 139 -15.50 -0.31 32.19
CA LYS B 139 -14.64 0.81 32.01
C LYS B 139 -14.70 1.32 30.58
N LEU B 140 -15.10 2.58 30.44
CA LEU B 140 -15.12 3.24 29.15
C LEU B 140 -14.40 4.57 29.36
N VAL B 141 -13.08 4.50 29.33
CA VAL B 141 -12.23 5.65 29.55
C VAL B 141 -11.76 6.24 28.23
N SER B 142 -11.30 7.48 28.28
CA SER B 142 -10.77 8.14 27.10
C SER B 142 -9.78 9.19 27.56
N ALA B 143 -8.70 9.35 26.81
CA ALA B 143 -7.67 10.33 27.15
C ALA B 143 -7.21 11.05 25.91
N ASN B 144 -7.17 12.37 25.99
CA ASN B 144 -6.74 13.19 24.88
C ASN B 144 -5.70 14.17 25.36
N ARG B 145 -4.57 14.19 24.67
CA ARG B 145 -3.53 15.12 25.02
C ARG B 145 -2.82 15.65 23.79
N LEU B 146 -2.45 16.92 23.86
CA LEU B 146 -1.72 17.55 22.81
C LEU B 146 -0.25 17.69 23.22
N PHE B 147 0.64 17.23 22.35
CA PHE B 147 2.07 17.35 22.59
C PHE B 147 2.61 18.40 21.60
N GLY B 148 3.23 19.45 22.12
CA GLY B 148 3.75 20.52 21.27
C GLY B 148 5.14 20.95 21.70
N ASP B 149 5.90 21.46 20.73
CA ASP B 149 7.28 21.88 20.96
C ASP B 149 7.37 22.95 22.03
N LYS B 150 8.33 22.75 22.92
CA LYS B 150 8.57 23.66 24.05
C LYS B 150 8.92 25.04 23.52
N SER B 151 9.32 25.11 22.26
CA SER B 151 9.73 26.37 21.66
C SER B 151 8.60 27.18 21.05
N LEU B 152 7.62 26.50 20.50
CA LEU B 152 6.51 27.18 19.84
C LEU B 152 5.50 27.80 20.79
N THR B 153 4.65 28.68 20.26
CA THR B 153 3.59 29.30 21.06
C THR B 153 2.25 29.10 20.33
N PHE B 154 1.35 28.36 20.97
CA PHE B 154 0.05 28.04 20.41
C PHE B 154 -1.05 29.02 20.81
N ASN B 155 -2.00 29.19 19.89
CA ASN B 155 -3.16 30.10 20.05
C ASN B 155 -4.02 29.70 21.25
N GLU B 156 -3.91 30.53 22.28
CA GLU B 156 -4.60 30.37 23.56
C GLU B 156 -6.00 29.86 23.44
N THR B 157 -6.73 30.36 22.45
CA THR B 157 -8.07 29.87 22.25
C THR B 157 -8.01 28.41 21.80
N TYR B 158 -7.03 28.09 20.95
CA TYR B 158 -6.86 26.71 20.50
C TYR B 158 -6.52 25.84 21.69
N GLN B 159 -5.56 26.31 22.48
CA GLN B 159 -5.14 25.57 23.65
C GLN B 159 -6.28 25.38 24.65
N ASP B 160 -7.17 26.38 24.72
CA ASP B 160 -8.29 26.37 25.65
C ASP B 160 -9.45 25.48 25.20
N ILE B 161 -9.91 25.66 23.97
CA ILE B 161 -11.03 24.90 23.45
C ILE B 161 -10.76 23.41 23.51
N SER B 162 -9.53 23.04 23.18
CA SER B 162 -9.14 21.64 23.17
C SER B 162 -9.31 21.02 24.55
N GLU B 163 -8.93 21.76 25.58
CA GLU B 163 -9.04 21.28 26.96
C GLU B 163 -10.51 21.25 27.38
N LEU B 164 -11.23 22.32 27.03
CA LEU B 164 -12.63 22.44 27.37
C LEU B 164 -13.50 21.37 26.72
N VAL B 165 -13.25 21.09 25.45
CA VAL B 165 -14.05 20.13 24.72
C VAL B 165 -13.56 18.70 24.85
N TYR B 166 -12.25 18.53 24.64
CA TYR B 166 -11.62 17.22 24.64
C TYR B 166 -10.78 16.91 25.87
N GLY B 167 -10.76 17.84 26.81
CA GLY B 167 -9.97 17.65 28.01
C GLY B 167 -8.54 17.35 27.62
N ALA B 168 -8.17 17.77 26.41
CA ALA B 168 -6.83 17.54 25.88
C ALA B 168 -5.87 18.61 26.39
N LYS B 169 -4.82 18.19 27.09
CA LYS B 169 -3.84 19.15 27.62
C LYS B 169 -2.59 19.36 26.77
N LEU B 170 -1.91 20.44 27.05
CA LEU B 170 -0.64 20.77 26.38
C LEU B 170 0.49 20.05 27.11
N GLN B 171 1.40 19.49 26.36
CA GLN B 171 2.55 18.85 26.99
C GLN B 171 3.80 19.23 26.18
N PRO B 172 4.60 20.10 26.74
CA PRO B 172 5.81 20.55 26.09
C PRO B 172 6.72 19.37 25.83
N LEU B 173 7.26 19.32 24.63
CA LEU B 173 8.17 18.26 24.26
C LEU B 173 9.13 18.82 23.24
N ASP B 174 10.39 18.48 23.38
CA ASP B 174 11.41 18.95 22.46
C ASP B 174 11.44 18.09 21.20
N PHE B 175 10.67 18.48 20.19
CA PHE B 175 10.67 17.75 18.92
C PHE B 175 11.91 18.12 18.13
N LYS B 176 12.46 19.30 18.45
CA LYS B 176 13.61 19.84 17.77
C LYS B 176 14.97 19.29 18.17
N GLU B 177 15.06 18.57 19.30
CA GLU B 177 16.35 18.07 19.74
C GLU B 177 16.27 16.68 20.36
N ASN B 178 15.25 16.42 21.15
CA ASN B 178 15.07 15.12 21.77
C ASN B 178 13.80 14.46 21.24
N ALA B 179 13.58 14.62 19.94
CA ALA B 179 12.40 14.05 19.29
C ALA B 179 12.27 12.56 19.57
N GLU B 180 13.40 11.86 19.65
CA GLU B 180 13.37 10.42 19.92
C GLU B 180 12.89 10.22 21.35
N GLN B 181 13.47 10.97 22.28
CA GLN B 181 13.04 10.86 23.66
C GLN B 181 11.59 11.28 23.75
N SER B 182 11.20 12.19 22.87
CA SER B 182 9.84 12.67 22.85
C SER B 182 8.84 11.61 22.43
N ARG B 183 9.08 10.97 21.29
CA ARG B 183 8.15 9.96 20.77
C ARG B 183 7.92 8.88 21.80
N ALA B 184 8.96 8.56 22.56
CA ALA B 184 8.88 7.55 23.62
C ALA B 184 7.95 8.03 24.73
N ALA B 185 7.98 9.34 24.99
CA ALA B 185 7.13 9.93 26.02
C ALA B 185 5.69 9.81 25.57
N ILE B 186 5.43 10.16 24.31
CA ILE B 186 4.09 10.04 23.75
C ILE B 186 3.62 8.58 23.80
N ASN B 187 4.50 7.67 23.40
CA ASN B 187 4.18 6.24 23.43
C ASN B 187 3.86 5.78 24.85
N LYS B 188 4.71 6.16 25.79
CA LYS B 188 4.50 5.77 27.17
C LYS B 188 3.15 6.24 27.65
N TRP B 189 2.75 7.44 27.23
CA TRP B 189 1.48 7.98 27.66
C TRP B 189 0.32 7.15 27.16
N VAL B 190 0.40 6.72 25.91
CA VAL B 190 -0.65 5.89 25.31
C VAL B 190 -0.71 4.54 26.03
N SER B 191 0.45 4.05 26.46
CA SER B 191 0.53 2.80 27.19
C SER B 191 -0.15 2.95 28.55
N ASN B 192 0.12 4.07 29.23
CA ASN B 192 -0.48 4.36 30.53
C ASN B 192 -2.00 4.40 30.40
N LYS B 193 -2.48 5.18 29.46
CA LYS B 193 -3.90 5.35 29.23
C LYS B 193 -4.61 4.14 28.63
N THR B 194 -3.87 3.08 28.29
CA THR B 194 -4.47 1.89 27.68
C THR B 194 -4.14 0.61 28.42
N GLU B 195 -3.74 0.73 29.69
CA GLU B 195 -3.42 -0.43 30.49
C GLU B 195 -2.36 -1.28 29.83
N GLY B 196 -1.46 -0.65 29.10
CA GLY B 196 -0.37 -1.35 28.44
C GLY B 196 -0.80 -2.10 27.20
N ARG B 197 -2.08 -1.99 26.84
CA ARG B 197 -2.59 -2.67 25.65
C ARG B 197 -2.13 -2.01 24.35
N ILE B 198 -1.96 -0.70 24.34
CA ILE B 198 -1.43 -0.03 23.15
C ILE B 198 0.02 0.34 23.46
N THR B 199 0.95 -0.28 22.73
CA THR B 199 2.36 -0.05 22.95
C THR B 199 2.98 1.16 22.27
N ASP B 200 3.50 0.95 21.07
CA ASP B 200 4.16 2.02 20.33
C ASP B 200 3.29 2.50 19.20
N VAL B 201 2.52 3.56 19.44
CA VAL B 201 1.65 4.10 18.39
C VAL B 201 2.45 4.86 17.33
N ILE B 202 3.23 5.84 17.75
CA ILE B 202 4.05 6.60 16.82
C ILE B 202 5.25 5.73 16.46
N PRO B 203 5.32 5.30 15.20
CA PRO B 203 6.40 4.44 14.72
C PRO B 203 7.79 5.06 14.91
N SER B 204 8.78 4.19 15.08
CA SER B 204 10.18 4.59 15.27
C SER B 204 10.76 5.35 14.06
N GLU B 205 9.91 6.12 13.38
CA GLU B 205 10.36 6.84 12.20
C GLU B 205 9.73 8.22 12.20
N ALA B 206 8.40 8.25 12.20
CA ALA B 206 7.66 9.50 12.22
C ALA B 206 7.99 10.26 13.50
N ILE B 207 8.01 11.58 13.37
CA ILE B 207 8.38 12.51 14.44
C ILE B 207 9.85 12.89 14.32
N ASN B 208 10.14 13.92 13.51
CA ASN B 208 11.50 14.40 13.30
C ASN B 208 11.72 15.72 14.04
N GLU B 209 12.75 16.45 13.64
CA GLU B 209 13.06 17.75 14.23
C GLU B 209 12.02 18.78 13.82
N LEU B 210 11.31 18.50 12.72
CA LEU B 210 10.31 19.43 12.20
C LEU B 210 8.92 19.33 12.85
N THR B 211 8.75 18.39 13.76
CA THR B 211 7.45 18.20 14.42
C THR B 211 7.05 19.36 15.31
N VAL B 212 5.80 19.81 15.14
CA VAL B 212 5.25 20.89 15.95
C VAL B 212 4.20 20.36 16.93
N LEU B 213 3.07 19.86 16.40
CA LEU B 213 1.99 19.31 17.22
C LEU B 213 1.86 17.82 16.94
N VAL B 214 1.28 17.15 17.95
CA VAL B 214 0.97 15.74 17.86
C VAL B 214 -0.26 15.53 18.72
N LEU B 215 -1.43 15.57 18.10
CA LEU B 215 -2.68 15.39 18.81
C LEU B 215 -2.85 13.91 19.09
N VAL B 216 -3.32 13.59 20.27
CA VAL B 216 -3.49 12.20 20.63
C VAL B 216 -4.84 11.90 21.25
N ASN B 217 -5.27 10.65 21.12
CA ASN B 217 -6.53 10.20 21.66
C ASN B 217 -6.40 8.75 22.04
N THR B 218 -7.20 8.35 23.01
CA THR B 218 -7.17 6.98 23.45
C THR B 218 -8.50 6.61 24.05
N ILE B 219 -8.93 5.40 23.74
CA ILE B 219 -10.17 4.88 24.26
C ILE B 219 -9.84 3.51 24.81
N TYR B 220 -10.28 3.26 26.03
CA TYR B 220 -10.00 2.00 26.69
C TYR B 220 -11.24 1.42 27.32
N PHE B 221 -11.46 0.13 27.09
CA PHE B 221 -12.63 -0.53 27.61
C PHE B 221 -12.44 -1.93 28.16
N LYS B 222 -13.07 -2.17 29.30
CA LYS B 222 -13.08 -3.50 29.89
C LYS B 222 -14.49 -3.75 30.40
N GLY B 223 -15.03 -4.92 30.09
CA GLY B 223 -16.38 -5.22 30.49
C GLY B 223 -16.64 -6.71 30.64
N LEU B 224 -17.51 -7.03 31.58
CA LEU B 224 -17.88 -8.39 31.89
C LEU B 224 -19.10 -8.75 31.07
N TRP B 225 -19.29 -10.05 30.84
CA TRP B 225 -20.45 -10.49 30.11
C TRP B 225 -21.66 -10.47 31.03
N LYS B 226 -22.74 -9.83 30.60
CA LYS B 226 -23.94 -9.80 31.42
C LYS B 226 -24.40 -11.25 31.64
N SER B 227 -24.04 -12.11 30.69
CA SER B 227 -24.38 -13.54 30.74
C SER B 227 -23.12 -14.33 30.42
N LYS B 228 -22.36 -14.60 31.46
CA LYS B 228 -21.10 -15.26 31.32
C LYS B 228 -21.07 -16.62 30.65
N PHE B 229 -19.98 -16.90 29.95
CA PHE B 229 -19.71 -18.20 29.35
C PHE B 229 -18.88 -18.95 30.42
N SER B 230 -19.19 -20.22 30.66
CA SER B 230 -18.42 -21.00 31.63
C SER B 230 -17.22 -21.64 30.94
N PRO B 231 -16.02 -21.35 31.43
CA PRO B 231 -14.81 -21.92 30.84
C PRO B 231 -14.92 -23.44 30.73
N GLU B 232 -15.77 -24.01 31.58
CA GLU B 232 -15.97 -25.45 31.57
C GLU B 232 -16.49 -25.94 30.23
N ASN B 233 -17.34 -25.14 29.60
CA ASN B 233 -17.95 -25.50 28.32
C ASN B 233 -17.03 -25.15 27.14
N THR B 234 -15.97 -24.40 27.37
CA THR B 234 -15.09 -24.04 26.26
C THR B 234 -14.42 -25.28 25.69
N ARG B 235 -14.38 -25.39 24.37
CA ARG B 235 -13.75 -26.55 23.72
C ARG B 235 -13.15 -26.15 22.38
N LYS B 236 -12.12 -26.88 21.96
CA LYS B 236 -11.50 -26.60 20.68
C LYS B 236 -12.48 -27.01 19.58
N GLU B 237 -12.55 -26.20 18.54
CA GLU B 237 -13.48 -26.48 17.45
C GLU B 237 -12.96 -25.86 16.19
N LEU B 238 -13.30 -26.47 15.06
CA LEU B 238 -12.84 -25.99 13.78
C LEU B 238 -13.40 -24.65 13.34
N PHE B 239 -12.49 -23.76 12.95
CA PHE B 239 -12.89 -22.49 12.38
C PHE B 239 -12.61 -22.60 10.87
N TYR B 240 -13.60 -22.24 10.06
CA TYR B 240 -13.45 -22.32 8.60
C TYR B 240 -13.07 -20.98 7.96
N LYS B 241 -11.80 -20.87 7.60
CA LYS B 241 -11.24 -19.66 7.02
C LYS B 241 -11.64 -19.46 5.57
N ALA B 242 -11.46 -18.22 5.10
CA ALA B 242 -11.78 -17.81 3.73
C ALA B 242 -10.92 -18.52 2.68
N ASP B 243 -9.72 -18.93 3.08
CA ASP B 243 -8.84 -19.62 2.16
C ASP B 243 -9.37 -21.04 1.89
N GLY B 244 -10.43 -21.40 2.58
CA GLY B 244 -11.06 -22.71 2.41
C GLY B 244 -10.56 -23.81 3.34
N GLU B 245 -9.51 -23.54 4.10
CA GLU B 245 -8.97 -24.55 5.01
C GLU B 245 -9.53 -24.36 6.41
N SER B 246 -9.73 -25.49 7.09
CA SER B 246 -10.25 -25.51 8.45
C SER B 246 -9.26 -24.94 9.40
N CYS B 247 -9.56 -25.05 10.68
CA CYS B 247 -8.69 -24.50 11.67
C CYS B 247 -9.20 -24.84 13.08
N SER B 248 -8.32 -24.82 14.08
CA SER B 248 -8.73 -25.10 15.45
C SER B 248 -8.83 -23.81 16.27
N ALA B 249 -9.93 -23.65 17.01
CA ALA B 249 -10.12 -22.46 17.82
C ALA B 249 -10.90 -22.73 19.09
N SER B 250 -10.56 -21.99 20.15
CA SER B 250 -11.27 -22.16 21.42
C SER B 250 -12.67 -21.58 21.30
N MET B 251 -13.65 -22.48 21.27
CA MET B 251 -15.04 -22.08 21.19
C MET B 251 -15.72 -21.95 22.54
N MET B 252 -16.40 -20.85 22.75
CA MET B 252 -17.14 -20.63 24.00
C MET B 252 -18.60 -21.06 23.81
N TYR B 253 -19.14 -21.76 24.80
CA TYR B 253 -20.52 -22.22 24.71
C TYR B 253 -21.45 -21.52 25.70
N GLN B 254 -22.72 -21.44 25.33
CA GLN B 254 -23.72 -20.79 26.16
C GLN B 254 -25.11 -21.09 25.62
N GLU B 255 -26.10 -20.78 26.45
CA GLU B 255 -27.51 -20.94 26.09
C GLU B 255 -28.25 -19.93 26.97
N GLY B 256 -28.86 -18.92 26.34
CA GLY B 256 -29.56 -17.88 27.09
C GLY B 256 -30.32 -16.90 26.19
N LYS B 257 -30.84 -15.84 26.80
CA LYS B 257 -31.64 -14.83 26.08
C LYS B 257 -30.72 -13.76 25.49
N PHE B 258 -30.82 -13.57 24.18
CA PHE B 258 -30.06 -12.55 23.50
C PHE B 258 -30.87 -11.97 22.38
N ARG B 259 -30.81 -10.65 22.19
CA ARG B 259 -31.52 -10.04 21.08
C ARG B 259 -30.80 -10.65 19.88
N TYR B 260 -31.57 -11.21 18.96
CA TYR B 260 -31.02 -11.87 17.79
C TYR B 260 -31.96 -11.74 16.62
N ARG B 261 -31.41 -11.76 15.42
CA ARG B 261 -32.24 -11.62 14.23
C ARG B 261 -31.54 -12.19 13.01
N ARG B 262 -32.22 -13.11 12.32
CA ARG B 262 -31.66 -13.71 11.12
C ARG B 262 -32.17 -12.90 9.95
N VAL B 263 -31.38 -11.93 9.54
CA VAL B 263 -31.74 -11.02 8.50
C VAL B 263 -31.57 -11.57 7.10
N ALA B 264 -31.93 -10.72 6.14
CA ALA B 264 -31.87 -10.97 4.70
C ALA B 264 -30.62 -11.67 4.25
N GLU B 265 -30.86 -12.79 3.56
CA GLU B 265 -29.83 -13.64 2.99
C GLU B 265 -29.23 -14.57 4.02
N GLY B 266 -30.01 -14.79 5.08
CA GLY B 266 -29.64 -15.69 6.18
C GLY B 266 -28.54 -15.21 7.11
N THR B 267 -28.31 -13.91 7.15
CA THR B 267 -27.27 -13.35 8.02
C THR B 267 -27.78 -13.21 9.45
N GLN B 268 -27.07 -13.85 10.37
CA GLN B 268 -27.41 -13.83 11.79
C GLN B 268 -26.81 -12.65 12.51
N VAL B 269 -27.65 -11.79 13.05
CA VAL B 269 -27.19 -10.66 13.86
C VAL B 269 -27.33 -11.11 15.31
N LEU B 270 -26.39 -10.70 16.16
CA LEU B 270 -26.42 -11.08 17.57
C LEU B 270 -25.83 -9.97 18.40
N GLU B 271 -26.40 -9.78 19.58
CA GLU B 271 -25.98 -8.73 20.51
C GLU B 271 -25.80 -9.27 21.93
N LEU B 272 -24.53 -9.35 22.34
CA LEU B 272 -24.12 -9.82 23.66
C LEU B 272 -23.75 -8.64 24.56
N PRO B 273 -24.66 -8.21 25.40
CA PRO B 273 -24.41 -7.07 26.30
C PRO B 273 -23.44 -7.32 27.46
N PHE B 274 -22.71 -6.27 27.82
CA PHE B 274 -21.82 -6.31 28.97
C PHE B 274 -22.64 -5.82 30.18
N LYS B 275 -22.11 -6.02 31.39
CA LYS B 275 -22.80 -5.56 32.58
C LYS B 275 -23.11 -4.07 32.37
N GLY B 276 -24.20 -3.60 32.96
CA GLY B 276 -24.61 -2.20 32.81
C GLY B 276 -25.63 -2.05 31.69
N ASP B 277 -25.50 -2.88 30.66
CA ASP B 277 -26.43 -2.84 29.53
C ASP B 277 -26.21 -1.63 28.62
N ASP B 278 -25.35 -0.71 29.05
CA ASP B 278 -25.07 0.48 28.27
C ASP B 278 -24.22 0.17 27.04
N ILE B 279 -23.26 -0.73 27.22
CA ILE B 279 -22.37 -1.15 26.15
C ILE B 279 -22.65 -2.61 25.78
N THR B 280 -22.56 -2.91 24.48
CA THR B 280 -22.81 -4.27 24.01
C THR B 280 -21.92 -4.61 22.84
N MET B 281 -21.86 -5.89 22.50
CA MET B 281 -21.06 -6.38 21.42
C MET B 281 -21.90 -7.09 20.39
N VAL B 282 -22.15 -6.41 19.28
CA VAL B 282 -22.95 -6.97 18.21
C VAL B 282 -22.11 -7.89 17.35
N LEU B 283 -22.75 -8.90 16.77
CA LEU B 283 -22.06 -9.84 15.90
C LEU B 283 -22.86 -10.02 14.62
N ILE B 284 -22.15 -10.13 13.50
CA ILE B 284 -22.81 -10.26 12.21
C ILE B 284 -22.21 -11.42 11.48
N LEU B 285 -22.89 -12.56 11.59
CA LEU B 285 -22.40 -13.80 11.03
C LEU B 285 -23.14 -14.23 9.80
N PRO B 286 -22.58 -13.90 8.64
CA PRO B 286 -23.19 -14.29 7.38
C PRO B 286 -23.27 -15.80 7.33
N LYS B 287 -24.15 -16.31 6.48
CA LYS B 287 -24.28 -17.75 6.34
C LYS B 287 -23.04 -18.26 5.61
N PRO B 288 -22.85 -19.56 5.64
CA PRO B 288 -21.70 -20.19 4.98
C PRO B 288 -21.70 -19.87 3.50
N GLU B 289 -22.88 -20.01 2.91
CA GLU B 289 -23.13 -19.79 1.48
C GLU B 289 -23.00 -18.33 1.06
N LYS B 290 -22.43 -17.50 1.93
CA LYS B 290 -22.28 -16.06 1.63
C LYS B 290 -20.99 -15.48 2.19
N SER B 291 -20.34 -14.64 1.40
CA SER B 291 -19.08 -14.01 1.77
C SER B 291 -19.21 -12.79 2.65
N LEU B 292 -18.33 -12.71 3.64
CA LEU B 292 -18.30 -11.58 4.56
C LEU B 292 -17.98 -10.29 3.79
N ALA B 293 -17.24 -10.44 2.69
CA ALA B 293 -16.89 -9.30 1.86
C ALA B 293 -18.18 -8.71 1.31
N LYS B 294 -19.11 -9.59 0.95
CA LYS B 294 -20.40 -9.14 0.43
C LYS B 294 -21.20 -8.36 1.49
N VAL B 295 -21.11 -8.79 2.74
CA VAL B 295 -21.82 -8.11 3.81
C VAL B 295 -21.10 -6.81 4.13
N GLU B 296 -19.78 -6.81 3.95
CA GLU B 296 -18.95 -5.64 4.24
C GLU B 296 -19.23 -4.48 3.29
N LYS B 297 -19.44 -4.79 2.02
CA LYS B 297 -19.76 -3.78 1.03
C LYS B 297 -21.17 -3.25 1.31
N GLU B 298 -22.02 -4.15 1.81
CA GLU B 298 -23.42 -3.81 2.12
C GLU B 298 -23.56 -2.93 3.35
N LEU B 299 -22.57 -2.98 4.22
CA LEU B 299 -22.59 -2.21 5.45
C LEU B 299 -22.95 -0.73 5.18
N THR B 300 -23.55 -0.10 6.19
CA THR B 300 -24.00 1.29 6.10
C THR B 300 -24.80 1.59 7.35
N PRO B 301 -24.59 2.78 7.92
CA PRO B 301 -25.26 3.13 9.17
C PRO B 301 -26.73 2.82 9.19
N GLU B 302 -27.41 3.10 8.08
CA GLU B 302 -28.83 2.87 8.01
C GLU B 302 -29.22 1.40 8.01
N VAL B 303 -28.41 0.57 7.36
CA VAL B 303 -28.67 -0.86 7.38
C VAL B 303 -28.44 -1.36 8.81
N LEU B 304 -27.36 -0.90 9.44
CA LEU B 304 -27.00 -1.32 10.78
C LEU B 304 -28.11 -1.09 11.80
N GLN B 305 -28.60 0.15 11.87
CA GLN B 305 -29.68 0.45 12.81
C GLN B 305 -30.91 -0.38 12.49
N GLU B 306 -31.15 -0.63 11.20
CA GLU B 306 -32.30 -1.45 10.82
C GLU B 306 -32.06 -2.85 11.38
N TRP B 307 -30.80 -3.27 11.39
CA TRP B 307 -30.43 -4.57 11.95
C TRP B 307 -30.82 -4.53 13.44
N LEU B 308 -30.22 -3.59 14.15
CA LEU B 308 -30.40 -3.46 15.58
C LEU B 308 -31.82 -3.29 16.01
N ASP B 309 -32.57 -2.47 15.27
CA ASP B 309 -33.95 -2.22 15.60
C ASP B 309 -34.76 -3.51 15.60
N GLU B 310 -34.49 -4.35 14.61
CA GLU B 310 -35.21 -5.58 14.43
C GLU B 310 -34.83 -6.72 15.34
N LEU B 311 -33.93 -6.45 16.29
CA LEU B 311 -33.51 -7.47 17.25
C LEU B 311 -34.66 -7.82 18.20
N GLU B 312 -34.56 -8.98 18.85
CA GLU B 312 -35.60 -9.45 19.75
C GLU B 312 -35.08 -10.54 20.67
N GLU B 313 -35.41 -10.44 21.95
CA GLU B 313 -34.97 -11.42 22.95
C GLU B 313 -35.28 -12.81 22.42
N MET B 314 -34.37 -13.75 22.64
CA MET B 314 -34.58 -15.10 22.12
C MET B 314 -33.63 -16.15 22.69
N MET B 315 -34.15 -17.34 22.93
CA MET B 315 -33.34 -18.45 23.44
C MET B 315 -32.43 -18.92 22.32
N LEU B 316 -31.14 -19.01 22.62
CA LEU B 316 -30.18 -19.38 21.60
C LEU B 316 -29.04 -20.20 22.14
N VAL B 317 -28.40 -20.92 21.23
CA VAL B 317 -27.20 -21.66 21.55
C VAL B 317 -26.11 -20.79 20.93
N VAL B 318 -25.24 -20.25 21.77
CA VAL B 318 -24.19 -19.39 21.27
C VAL B 318 -22.82 -20.03 21.20
N HIS B 319 -22.28 -20.11 20.00
CA HIS B 319 -20.92 -20.61 19.78
C HIS B 319 -20.07 -19.39 19.38
N MET B 320 -19.07 -19.08 20.18
CA MET B 320 -18.23 -17.92 19.92
C MET B 320 -16.81 -18.11 20.43
N PRO B 321 -15.87 -18.22 19.52
CA PRO B 321 -14.49 -18.43 19.87
C PRO B 321 -13.93 -17.29 20.68
N ARG B 322 -12.88 -17.56 21.47
CA ARG B 322 -12.21 -16.50 22.21
C ARG B 322 -10.97 -16.09 21.41
N PHE B 323 -10.67 -14.80 21.44
CA PHE B 323 -9.57 -14.31 20.64
C PHE B 323 -8.99 -13.01 21.11
N ARG B 324 -7.84 -12.67 20.54
CA ARG B 324 -7.20 -11.42 20.81
C ARG B 324 -6.90 -10.84 19.45
N ILE B 325 -6.87 -9.53 19.36
CA ILE B 325 -6.58 -8.89 18.11
C ILE B 325 -5.76 -7.66 18.34
N GLU B 326 -4.82 -7.44 17.45
CA GLU B 326 -3.93 -6.31 17.55
C GLU B 326 -3.74 -5.82 16.14
N ASP B 327 -4.20 -4.61 15.88
CA ASP B 327 -4.13 -4.05 14.56
C ASP B 327 -3.76 -2.60 14.67
N GLY B 328 -2.95 -2.14 13.74
CA GLY B 328 -2.49 -0.77 13.71
C GLY B 328 -2.26 -0.45 12.26
N PHE B 329 -2.51 0.79 11.88
CA PHE B 329 -2.35 1.19 10.50
C PHE B 329 -2.21 2.68 10.39
N SER B 330 -1.60 3.14 9.31
CA SER B 330 -1.48 4.57 9.07
C SER B 330 -2.81 4.99 8.44
N LEU B 331 -3.35 6.10 8.91
CA LEU B 331 -4.64 6.59 8.42
C LEU B 331 -4.52 7.36 7.13
N LYS B 332 -3.31 7.83 6.86
CA LYS B 332 -3.05 8.67 5.70
C LYS B 332 -3.56 8.15 4.37
N GLU B 333 -3.07 6.99 3.97
CA GLU B 333 -3.48 6.44 2.67
C GLU B 333 -4.98 6.38 2.54
N GLN B 334 -5.61 5.65 3.46
CA GLN B 334 -7.06 5.46 3.46
C GLN B 334 -7.80 6.79 3.53
N LEU B 335 -7.32 7.67 4.38
CA LEU B 335 -7.95 8.97 4.55
C LEU B 335 -7.85 9.83 3.30
N GLN B 336 -6.67 9.83 2.66
CA GLN B 336 -6.49 10.56 1.39
C GLN B 336 -7.45 9.90 0.40
N ASP B 337 -7.38 8.57 0.31
CA ASP B 337 -8.25 7.81 -0.56
C ASP B 337 -9.72 8.21 -0.38
N MET B 338 -10.05 8.69 0.81
CA MET B 338 -11.41 9.07 1.14
C MET B 338 -11.78 10.52 0.80
N GLY B 339 -10.76 11.38 0.65
CA GLY B 339 -11.00 12.78 0.31
C GLY B 339 -10.19 13.79 1.11
N LEU B 340 -9.58 13.34 2.20
CA LEU B 340 -8.80 14.23 3.04
C LEU B 340 -7.40 14.41 2.46
N VAL B 341 -7.28 15.30 1.48
CA VAL B 341 -6.00 15.56 0.81
C VAL B 341 -5.21 16.78 1.28
N ASP B 342 -5.90 17.90 1.48
CA ASP B 342 -5.22 19.13 1.86
C ASP B 342 -4.47 19.03 3.17
N LEU B 343 -5.13 18.44 4.17
CA LEU B 343 -4.53 18.33 5.50
C LEU B 343 -3.13 17.76 5.47
N PHE B 344 -2.91 16.77 4.62
CA PHE B 344 -1.60 16.14 4.50
C PHE B 344 -0.62 16.88 3.57
N SER B 345 -1.12 17.86 2.82
CA SER B 345 -0.30 18.66 1.90
C SER B 345 0.38 19.83 2.59
N PRO B 346 1.71 19.89 2.48
CA PRO B 346 2.46 21.00 3.09
C PRO B 346 2.14 22.31 2.35
N GLU B 347 1.78 22.18 1.08
CA GLU B 347 1.43 23.34 0.27
C GLU B 347 0.00 23.77 0.49
N LYS B 348 -0.91 22.80 0.59
CA LYS B 348 -2.33 23.10 0.77
C LYS B 348 -2.90 23.15 2.20
N SER B 349 -2.35 22.33 3.09
CA SER B 349 -2.85 22.27 4.46
C SER B 349 -2.97 23.63 5.11
N LYS B 350 -4.20 23.96 5.59
CA LYS B 350 -4.42 25.26 6.26
C LYS B 350 -4.86 25.01 7.69
N LEU B 351 -3.97 25.33 8.65
CA LEU B 351 -4.22 25.16 10.06
C LEU B 351 -3.75 26.38 10.82
N PRO B 352 -4.27 27.53 10.43
CA PRO B 352 -3.91 28.80 11.07
C PRO B 352 -4.20 28.84 12.58
N GLY B 353 -5.09 27.99 13.06
CA GLY B 353 -5.51 28.04 14.47
C GLY B 353 -4.70 27.43 15.61
N ILE B 354 -3.57 26.81 15.30
CA ILE B 354 -2.77 26.13 16.30
C ILE B 354 -1.67 26.98 16.90
N VAL B 355 -0.72 27.31 16.05
CA VAL B 355 0.43 28.13 16.41
C VAL B 355 0.11 29.62 16.41
N ALA B 356 0.58 30.30 17.46
CA ALA B 356 0.36 31.72 17.65
C ALA B 356 0.79 32.60 16.48
N GLU B 357 0.07 33.71 16.31
CA GLU B 357 0.32 34.63 15.20
C GLU B 357 0.12 33.90 13.88
N GLY B 358 -0.64 32.82 13.93
CA GLY B 358 -0.90 32.01 12.76
C GLY B 358 0.43 31.42 12.31
N ARG B 359 0.33 30.51 11.34
CA ARG B 359 1.48 29.84 10.75
C ARG B 359 0.95 28.70 9.91
N ASP B 360 0.60 29.01 8.68
CA ASP B 360 0.03 28.04 7.75
C ASP B 360 1.08 27.13 7.11
N ASP B 361 2.17 26.95 7.81
CA ASP B 361 3.23 26.06 7.36
C ASP B 361 2.81 24.66 7.79
N LEU B 362 1.97 24.61 8.82
CA LEU B 362 1.48 23.35 9.37
C LEU B 362 0.71 22.47 8.40
N TYR B 363 1.01 21.18 8.45
CA TYR B 363 0.39 20.17 7.62
C TYR B 363 0.55 18.83 8.33
N VAL B 364 -0.47 17.98 8.29
CA VAL B 364 -0.40 16.70 8.96
C VAL B 364 0.60 15.78 8.27
N SER B 365 1.68 15.44 8.96
CA SER B 365 2.71 14.57 8.41
C SER B 365 2.21 13.14 8.23
N ASP B 366 1.51 12.63 9.23
CA ASP B 366 1.01 11.26 9.20
C ASP B 366 0.04 11.05 10.36
N ALA B 367 -0.82 10.06 10.22
CA ALA B 367 -1.81 9.76 11.25
C ALA B 367 -1.87 8.25 11.47
N PHE B 368 -1.53 7.84 12.69
CA PHE B 368 -1.51 6.44 13.04
C PHE B 368 -2.70 5.97 13.83
N HIS B 369 -2.93 4.66 13.81
CA HIS B 369 -4.02 4.06 14.55
C HIS B 369 -3.61 2.67 15.01
N LYS B 370 -3.82 2.40 16.29
CA LYS B 370 -3.48 1.11 16.85
C LYS B 370 -4.59 0.69 17.80
N ALA B 371 -5.12 -0.50 17.58
CA ALA B 371 -6.22 -1.00 18.39
C ALA B 371 -5.92 -2.39 18.90
N PHE B 372 -6.68 -2.80 19.91
CA PHE B 372 -6.49 -4.10 20.52
C PHE B 372 -7.81 -4.67 21.03
N LEU B 373 -7.96 -5.98 20.91
CA LEU B 373 -9.16 -6.66 21.40
C LEU B 373 -8.79 -8.03 21.98
N GLU B 374 -9.45 -8.37 23.08
CA GLU B 374 -9.25 -9.65 23.74
C GLU B 374 -10.60 -10.17 24.21
N VAL B 375 -11.12 -11.17 23.51
CA VAL B 375 -12.40 -11.78 23.86
C VAL B 375 -12.19 -13.14 24.52
N ASN B 376 -12.87 -13.33 25.64
CA ASN B 376 -12.78 -14.55 26.42
C ASN B 376 -14.04 -14.74 27.27
N GLU B 377 -13.95 -15.64 28.25
CA GLU B 377 -15.08 -15.91 29.15
C GLU B 377 -15.11 -14.91 30.31
N GLU B 378 -13.94 -14.35 30.61
CA GLU B 378 -13.80 -13.39 31.70
C GLU B 378 -12.73 -12.35 31.37
N ALA B 384 -13.99 -11.35 40.02
CA ALA B 384 -15.11 -12.27 39.80
C ALA B 384 -14.80 -13.21 38.65
N SER B 385 -15.78 -14.06 38.35
CA SER B 385 -15.71 -15.07 37.31
C SER B 385 -16.34 -16.23 38.02
N THR B 386 -16.56 -17.31 37.32
CA THR B 386 -17.22 -18.42 37.96
C THR B 386 -17.09 -19.72 37.22
N ALA B 387 -18.26 -20.30 37.07
CA ALA B 387 -18.54 -21.55 36.39
C ALA B 387 -20.06 -21.54 36.48
N VAL B 388 -20.74 -21.92 35.41
CA VAL B 388 -22.18 -21.88 35.40
C VAL B 388 -22.90 -23.16 35.79
N VAL B 389 -23.98 -22.97 36.53
CA VAL B 389 -24.85 -24.06 36.96
C VAL B 389 -26.28 -23.61 36.68
N ILE B 390 -27.00 -24.41 35.90
CA ILE B 390 -28.36 -24.10 35.54
C ILE B 390 -29.26 -25.30 35.76
N ALA B 391 -29.89 -25.33 36.93
CA ALA B 391 -30.78 -26.41 37.30
C ALA B 391 -32.21 -26.13 36.84
N GLY B 392 -32.87 -27.15 36.32
CA GLY B 392 -34.26 -27.00 35.91
C GLY B 392 -34.51 -26.40 34.56
N ARG B 393 -33.47 -26.31 33.75
CA ARG B 393 -33.64 -25.78 32.40
C ARG B 393 -33.96 -26.89 31.39
N SER B 394 -34.95 -26.64 30.54
CA SER B 394 -35.30 -27.59 29.49
C SER B 394 -35.79 -26.76 28.31
N LEU B 395 -34.84 -26.32 27.49
CA LEU B 395 -35.10 -25.45 26.35
C LEU B 395 -35.72 -26.16 25.16
N ASN B 396 -36.24 -25.35 24.24
CA ASN B 396 -36.87 -25.86 23.02
C ASN B 396 -35.85 -26.67 22.23
N PRO B 397 -36.27 -27.84 21.77
CA PRO B 397 -35.37 -28.71 20.99
C PRO B 397 -34.88 -28.00 19.72
N ASN B 398 -35.80 -27.36 19.03
CA ASN B 398 -35.47 -26.69 17.78
C ASN B 398 -34.89 -25.28 17.93
N ARG B 399 -34.60 -24.88 19.16
CA ARG B 399 -34.05 -23.54 19.43
C ARG B 399 -32.96 -23.20 18.43
N VAL B 400 -32.92 -21.94 18.00
CA VAL B 400 -31.92 -21.50 17.02
C VAL B 400 -30.50 -21.38 17.58
N THR B 401 -29.54 -21.93 16.85
CA THR B 401 -28.13 -21.86 17.24
C THR B 401 -27.36 -20.80 16.43
N PHE B 402 -26.28 -20.29 17.02
CA PHE B 402 -25.44 -19.29 16.38
C PHE B 402 -23.99 -19.69 16.55
N LYS B 403 -23.49 -20.45 15.57
CA LYS B 403 -22.11 -20.93 15.60
C LYS B 403 -21.20 -20.01 14.79
N ALA B 404 -20.28 -19.35 15.48
CA ALA B 404 -19.34 -18.43 14.85
C ALA B 404 -18.02 -19.12 14.46
N ASN B 405 -18.14 -20.24 13.75
CA ASN B 405 -16.96 -20.99 13.31
C ASN B 405 -16.56 -20.64 11.86
N ARG B 406 -16.68 -19.35 11.53
CA ARG B 406 -16.34 -18.81 10.22
C ARG B 406 -16.31 -17.28 10.39
N PRO B 407 -15.54 -16.60 9.54
CA PRO B 407 -15.34 -15.14 9.68
C PRO B 407 -16.60 -14.37 9.97
N PHE B 408 -16.49 -13.36 10.83
CA PHE B 408 -17.62 -12.53 11.22
C PHE B 408 -17.16 -11.16 11.66
N LEU B 409 -18.10 -10.22 11.72
CA LEU B 409 -17.82 -8.85 12.14
C LEU B 409 -18.09 -8.68 13.63
N VAL B 410 -17.56 -7.60 14.21
CA VAL B 410 -17.72 -7.33 15.62
C VAL B 410 -17.83 -5.84 15.91
N PHE B 411 -18.82 -5.48 16.72
CA PHE B 411 -19.05 -4.11 17.09
C PHE B 411 -19.26 -4.03 18.58
N ILE B 412 -18.54 -3.11 19.22
CA ILE B 412 -18.72 -2.85 20.63
C ILE B 412 -19.36 -1.45 20.61
N ARG B 413 -20.68 -1.39 20.72
CA ARG B 413 -21.37 -0.11 20.68
C ARG B 413 -21.92 0.37 22.02
N GLU B 414 -22.10 1.68 22.12
CA GLU B 414 -22.68 2.31 23.30
C GLU B 414 -24.15 2.53 22.90
N VAL B 415 -25.05 1.75 23.49
CA VAL B 415 -26.45 1.78 23.14
C VAL B 415 -27.21 3.10 23.21
N PRO B 416 -27.35 3.65 24.41
CA PRO B 416 -28.13 4.87 24.60
C PRO B 416 -27.71 5.94 23.60
N LEU B 417 -26.41 6.20 23.55
CA LEU B 417 -25.87 7.19 22.62
C LEU B 417 -25.80 6.59 21.21
N ASN B 418 -25.76 5.27 21.14
CA ASN B 418 -25.69 4.57 19.87
C ASN B 418 -24.43 4.95 19.11
N THR B 419 -23.26 4.61 19.68
CA THR B 419 -22.01 4.99 19.01
C THR B 419 -21.10 3.77 18.95
N ILE B 420 -20.61 3.48 17.73
CA ILE B 420 -19.73 2.36 17.49
C ILE B 420 -18.38 2.62 18.09
N ILE B 421 -18.17 2.12 19.32
CA ILE B 421 -16.91 2.32 20.01
C ILE B 421 -15.75 1.61 19.32
N PHE B 422 -16.03 0.42 18.81
CA PHE B 422 -15.03 -0.38 18.11
C PHE B 422 -15.74 -1.18 17.04
N MET B 423 -14.97 -1.70 16.09
CA MET B 423 -15.51 -2.52 15.02
C MET B 423 -14.36 -3.24 14.36
N GLY B 424 -14.65 -4.41 13.79
CA GLY B 424 -13.59 -5.18 13.18
C GLY B 424 -14.15 -6.45 12.56
N ARG B 425 -13.26 -7.36 12.21
CA ARG B 425 -13.67 -8.59 11.59
C ARG B 425 -12.85 -9.71 12.16
N VAL B 426 -13.51 -10.79 12.56
CA VAL B 426 -12.79 -11.95 13.05
C VAL B 426 -12.69 -12.94 11.88
N ALA B 427 -11.50 -12.97 11.27
CA ALA B 427 -11.23 -13.82 10.12
C ALA B 427 -10.38 -15.02 10.50
N ASN B 428 -9.56 -14.86 11.53
CA ASN B 428 -8.73 -15.97 11.96
C ASN B 428 -8.45 -15.89 13.45
N PRO B 429 -9.33 -16.51 14.22
CA PRO B 429 -9.24 -16.51 15.69
C PRO B 429 -8.33 -17.61 16.18
N CYS B 430 -8.05 -18.51 15.26
CA CYS B 430 -7.20 -19.66 15.45
C CYS B 430 -5.94 -19.43 16.25
N VAL B 431 -5.49 -20.48 16.94
CA VAL B 431 -4.26 -20.41 17.72
C VAL B 431 -3.01 -20.56 16.85
N SER C 1 -14.44 -9.56 27.59
CA SER C 1 -14.21 -8.66 26.46
C SER C 1 -13.47 -7.37 26.87
N GLU C 2 -12.26 -7.19 26.32
CA GLU C 2 -11.43 -6.03 26.65
C GLU C 2 -10.79 -5.49 25.39
N ALA C 3 -10.86 -4.17 25.23
CA ALA C 3 -10.35 -3.52 24.04
C ALA C 3 -9.83 -2.13 24.29
N ALA C 4 -9.00 -1.65 23.40
CA ALA C 4 -8.40 -0.34 23.53
C ALA C 4 -7.84 0.10 22.20
N ALA C 5 -7.61 1.39 22.05
CA ALA C 5 -7.06 1.92 20.82
C ALA C 5 -6.59 3.35 21.02
N SER C 6 -5.72 3.80 20.12
CA SER C 6 -5.21 5.14 20.17
C SER C 6 -5.07 5.69 18.77
N THR C 7 -5.12 7.01 18.65
CA THR C 7 -4.98 7.67 17.36
C THR C 7 -4.11 8.92 17.50
N ALA C 8 -2.92 8.84 16.94
CA ALA C 8 -1.98 9.94 17.00
C ALA C 8 -1.99 10.71 15.71
N VAL C 9 -1.77 12.01 15.80
CA VAL C 9 -1.72 12.89 14.62
C VAL C 9 -0.52 13.84 14.73
N VAL C 10 0.55 13.53 13.97
CA VAL C 10 1.75 14.36 13.98
C VAL C 10 1.67 15.54 12.99
N ILE C 11 1.87 16.75 13.50
CA ILE C 11 1.82 17.99 12.69
C ILE C 11 3.23 18.60 12.48
N ALA C 12 3.47 19.19 11.31
CA ALA C 12 4.80 19.70 10.99
C ALA C 12 4.88 21.12 10.44
#